data_1VA1
#
_entry.id   1VA1
#
loop_
_entity.id
_entity.type
_entity.pdbx_description
1 polymer 'Transcription factor Sp1'
2 non-polymer 'ZINC ION'
#
_entity_poly.entity_id   1
_entity_poly.type   'polypeptide(L)'
_entity_poly.pdbx_seq_one_letter_code
;MDPGKKKQHICHIQGCGKVYGKTSHLRAHLRWHTGER
;
_entity_poly.pdbx_strand_id   A
#
loop_
_chem_comp.id
_chem_comp.type
_chem_comp.name
_chem_comp.formula
ZN non-polymer 'ZINC ION' 'Zn 2'
#
# COMPACT_ATOMS: atom_id res chain seq x y z
N MET A 1 7.72 -4.80 15.10
CA MET A 1 8.56 -6.02 15.30
C MET A 1 9.36 -6.34 14.05
N ASP A 2 10.68 -6.31 14.18
CA ASP A 2 11.57 -6.59 13.06
C ASP A 2 11.49 -8.07 12.65
N PRO A 3 11.83 -8.99 13.58
CA PRO A 3 11.78 -10.42 13.32
C PRO A 3 10.36 -10.96 13.23
N GLY A 4 10.24 -12.28 13.09
CA GLY A 4 8.92 -12.89 13.00
C GLY A 4 8.40 -12.91 11.58
N LYS A 5 7.12 -13.24 11.43
CA LYS A 5 6.49 -13.30 10.12
C LYS A 5 6.43 -11.91 9.47
N LYS A 6 6.80 -11.85 8.20
CA LYS A 6 6.80 -10.58 7.47
C LYS A 6 5.45 -10.34 6.81
N LYS A 7 5.16 -9.08 6.50
CA LYS A 7 3.90 -8.72 5.86
C LYS A 7 4.15 -7.81 4.66
N GLN A 8 3.40 -8.04 3.59
CA GLN A 8 3.53 -7.23 2.37
C GLN A 8 2.48 -6.13 2.34
N HIS A 9 2.79 -5.06 1.59
CA HIS A 9 1.87 -3.93 1.47
C HIS A 9 1.00 -4.07 0.22
N ILE A 10 -0.24 -4.49 0.41
CA ILE A 10 -1.17 -4.66 -0.70
C ILE A 10 -2.29 -3.64 -0.65
N CYS A 11 -2.77 -3.21 -1.81
CA CYS A 11 -3.85 -2.24 -1.89
C CYS A 11 -5.15 -2.82 -1.33
N HIS A 12 -5.43 -2.54 -0.06
CA HIS A 12 -6.64 -3.03 0.58
C HIS A 12 -7.88 -2.54 -0.15
N ILE A 13 -7.79 -1.36 -0.76
CA ILE A 13 -8.90 -0.79 -1.50
C ILE A 13 -9.31 -1.69 -2.66
N GLN A 14 -10.61 -1.98 -2.73
CA GLN A 14 -11.14 -2.83 -3.80
C GLN A 14 -10.94 -2.18 -5.17
N GLY A 15 -10.00 -2.70 -5.93
CA GLY A 15 -9.72 -2.14 -7.25
C GLY A 15 -8.32 -2.44 -7.73
N CYS A 16 -7.33 -2.11 -6.90
CA CYS A 16 -5.93 -2.34 -7.25
C CYS A 16 -5.52 -3.77 -6.94
N GLY A 17 -4.21 -4.03 -6.99
CA GLY A 17 -3.71 -5.36 -6.70
C GLY A 17 -2.22 -5.47 -6.90
N LYS A 18 -1.49 -4.42 -6.52
CA LYS A 18 -0.05 -4.39 -6.66
C LYS A 18 0.64 -4.80 -5.37
N VAL A 19 1.95 -4.66 -5.32
CA VAL A 19 2.74 -5.02 -4.14
C VAL A 19 3.66 -3.88 -3.73
N TYR A 20 3.78 -3.65 -2.43
CA TYR A 20 4.63 -2.59 -1.90
C TYR A 20 5.45 -3.09 -0.71
N GLY A 21 6.58 -2.45 -0.46
CA GLY A 21 7.43 -2.84 0.65
C GLY A 21 7.58 -1.73 1.68
N LYS A 22 7.48 -0.48 1.23
CA LYS A 22 7.60 0.66 2.13
C LYS A 22 6.25 1.33 2.35
N THR A 23 5.98 1.70 3.60
CA THR A 23 4.72 2.36 3.94
C THR A 23 4.69 3.79 3.39
N SER A 24 5.86 4.41 3.32
CA SER A 24 5.96 5.78 2.82
C SER A 24 5.40 5.87 1.40
N HIS A 25 5.51 4.79 0.65
CA HIS A 25 5.01 4.74 -0.72
C HIS A 25 3.49 4.66 -0.73
N LEU A 26 2.92 4.07 0.33
CA LEU A 26 1.47 3.94 0.43
C LEU A 26 0.79 5.30 0.35
N ARG A 27 1.34 6.27 1.07
CA ARG A 27 0.80 7.62 1.07
C ARG A 27 0.77 8.21 -0.32
N ALA A 28 1.91 8.17 -1.00
CA ALA A 28 2.02 8.70 -2.35
C ALA A 28 1.07 7.97 -3.30
N HIS A 29 0.86 6.68 -3.03
CA HIS A 29 -0.02 5.87 -3.86
C HIS A 29 -1.49 6.11 -3.50
N LEU A 30 -1.73 6.38 -2.22
CA LEU A 30 -3.09 6.63 -1.74
C LEU A 30 -3.68 7.89 -2.37
N ARG A 31 -2.84 8.92 -2.52
CA ARG A 31 -3.27 10.18 -3.10
C ARG A 31 -3.81 9.97 -4.52
N TRP A 32 -3.27 8.96 -5.20
CA TRP A 32 -3.70 8.66 -6.57
C TRP A 32 -5.07 8.01 -6.58
N HIS A 33 -5.36 7.22 -5.55
CA HIS A 33 -6.65 6.54 -5.44
C HIS A 33 -7.76 7.52 -5.11
N THR A 34 -7.50 8.40 -4.15
CA THR A 34 -8.48 9.39 -3.72
C THR A 34 -8.53 10.55 -4.72
N GLY A 35 -7.36 11.02 -5.14
CA GLY A 35 -7.30 12.12 -6.09
C GLY A 35 -7.60 11.67 -7.50
N GLU A 36 -8.88 11.43 -7.79
CA GLU A 36 -9.30 11.00 -9.12
C GLU A 36 -10.44 11.86 -9.64
N ARG A 37 -11.44 12.10 -8.78
CA ARG A 37 -12.58 12.90 -9.15
C ARG A 37 -12.96 13.86 -8.02
ZN ZN B . -3.59 0.79 -5.68
N MET A 1 7.03 -3.53 19.08
CA MET A 1 7.45 -3.76 17.68
C MET A 1 7.70 -5.24 17.41
N ASP A 2 6.85 -5.86 16.61
CA ASP A 2 6.98 -7.27 16.28
C ASP A 2 8.18 -7.50 15.37
N PRO A 3 9.23 -8.17 15.88
CA PRO A 3 10.44 -8.45 15.10
C PRO A 3 10.19 -9.46 13.98
N GLY A 4 10.31 -9.00 12.74
CA GLY A 4 10.09 -9.88 11.61
C GLY A 4 8.98 -9.38 10.70
N LYS A 5 9.31 -9.13 9.44
CA LYS A 5 8.32 -8.66 8.47
C LYS A 5 7.80 -9.80 7.62
N LYS A 6 6.50 -9.78 7.33
CA LYS A 6 5.87 -10.82 6.52
C LYS A 6 4.85 -10.21 5.57
N LYS A 7 4.43 -11.00 4.59
CA LYS A 7 3.45 -10.54 3.61
C LYS A 7 3.97 -9.33 2.84
N GLN A 8 3.39 -9.10 1.66
CA GLN A 8 3.80 -7.97 0.83
C GLN A 8 2.86 -6.79 1.02
N HIS A 9 3.10 -5.72 0.27
CA HIS A 9 2.26 -4.53 0.36
C HIS A 9 1.25 -4.48 -0.79
N ILE A 10 0.01 -4.87 -0.49
CA ILE A 10 -1.04 -4.87 -1.49
C ILE A 10 -2.22 -4.01 -1.05
N CYS A 11 -2.92 -3.41 -2.02
CA CYS A 11 -4.06 -2.56 -1.72
C CYS A 11 -5.19 -3.37 -1.08
N HIS A 12 -5.67 -2.88 0.06
CA HIS A 12 -6.75 -3.55 0.78
C HIS A 12 -8.09 -2.91 0.47
N ILE A 13 -8.22 -2.38 -0.75
CA ILE A 13 -9.45 -1.74 -1.19
C ILE A 13 -9.94 -2.33 -2.50
N GLN A 14 -11.25 -2.56 -2.58
CA GLN A 14 -11.84 -3.13 -3.79
C GLN A 14 -11.65 -2.20 -4.99
N GLY A 15 -10.47 -2.30 -5.62
CA GLY A 15 -10.18 -1.47 -6.76
C GLY A 15 -8.81 -1.75 -7.35
N CYS A 16 -7.77 -1.54 -6.55
CA CYS A 16 -6.41 -1.77 -7.00
C CYS A 16 -6.07 -3.26 -6.95
N GLY A 17 -4.81 -3.58 -7.25
CA GLY A 17 -4.38 -4.96 -7.23
C GLY A 17 -2.93 -5.12 -7.66
N LYS A 18 -2.10 -4.18 -7.23
CA LYS A 18 -0.68 -4.21 -7.58
C LYS A 18 0.16 -4.78 -6.43
N VAL A 19 1.46 -4.57 -6.50
CA VAL A 19 2.36 -5.06 -5.46
C VAL A 19 3.45 -4.04 -5.14
N TYR A 20 3.88 -4.03 -3.88
CA TYR A 20 4.92 -3.09 -3.45
C TYR A 20 5.76 -3.71 -2.33
N GLY A 21 6.99 -3.22 -2.20
CA GLY A 21 7.88 -3.73 -1.16
C GLY A 21 8.40 -2.64 -0.26
N LYS A 22 7.66 -1.54 -0.17
CA LYS A 22 8.06 -0.41 0.67
C LYS A 22 6.84 0.33 1.22
N THR A 23 6.76 0.44 2.54
CA THR A 23 5.64 1.13 3.18
C THR A 23 5.69 2.62 2.90
N SER A 24 6.88 3.18 2.85
CA SER A 24 7.06 4.60 2.57
C SER A 24 6.42 4.98 1.24
N HIS A 25 6.53 4.08 0.26
CA HIS A 25 5.96 4.32 -1.05
C HIS A 25 4.43 4.29 -0.99
N LEU A 26 3.90 3.53 -0.03
CA LEU A 26 2.46 3.42 0.14
C LEU A 26 1.84 4.79 0.42
N ARG A 27 2.60 5.66 1.05
CA ARG A 27 2.12 7.01 1.37
C ARG A 27 1.80 7.78 0.10
N ALA A 28 2.72 7.74 -0.86
CA ALA A 28 2.54 8.44 -2.13
C ALA A 28 1.40 7.83 -2.93
N HIS A 29 1.21 6.52 -2.78
CA HIS A 29 0.16 5.81 -3.49
C HIS A 29 -1.20 6.06 -2.82
N LEU A 30 -1.18 6.18 -1.50
CA LEU A 30 -2.40 6.41 -0.73
C LEU A 30 -3.05 7.73 -1.12
N ARG A 31 -2.24 8.77 -1.24
CA ARG A 31 -2.74 10.10 -1.60
C ARG A 31 -3.43 10.05 -2.96
N TRP A 32 -2.99 9.15 -3.83
CA TRP A 32 -3.56 9.01 -5.16
C TRP A 32 -5.00 8.50 -5.06
N HIS A 33 -5.26 7.63 -4.09
CA HIS A 33 -6.59 7.08 -3.90
C HIS A 33 -7.54 8.12 -3.33
N THR A 34 -7.00 9.07 -2.56
CA THR A 34 -7.80 10.12 -1.97
C THR A 34 -7.74 11.39 -2.81
N GLY A 35 -7.69 11.23 -4.13
CA GLY A 35 -7.63 12.37 -5.01
C GLY A 35 -8.07 12.02 -6.43
N GLU A 36 -9.03 11.13 -6.55
CA GLU A 36 -9.54 10.71 -7.85
C GLU A 36 -10.78 11.51 -8.23
N ARG A 37 -11.28 11.28 -9.44
CA ARG A 37 -12.46 11.99 -9.92
C ARG A 37 -13.58 11.00 -10.26
ZN ZN B . -4.05 1.10 -4.75
N MET A 1 -5.92 -9.01 13.47
CA MET A 1 -5.41 -10.20 12.75
C MET A 1 -3.89 -10.32 12.88
N ASP A 2 -3.38 -11.53 12.69
CA ASP A 2 -1.95 -11.78 12.81
C ASP A 2 -1.26 -11.64 11.45
N PRO A 3 -0.52 -10.54 11.24
CA PRO A 3 0.18 -10.30 9.97
C PRO A 3 1.33 -11.28 9.75
N GLY A 4 2.00 -11.65 10.83
CA GLY A 4 3.11 -12.58 10.73
C GLY A 4 4.38 -11.93 10.20
N LYS A 5 4.67 -12.16 8.93
CA LYS A 5 5.86 -11.58 8.31
C LYS A 5 5.48 -10.46 7.35
N LYS A 6 6.44 -9.57 7.08
CA LYS A 6 6.20 -8.45 6.18
C LYS A 6 7.51 -8.00 5.53
N LYS A 7 7.44 -7.65 4.25
CA LYS A 7 8.62 -7.20 3.52
C LYS A 7 8.24 -6.15 2.48
N GLN A 8 9.07 -5.11 2.37
CA GLN A 8 8.83 -4.03 1.42
C GLN A 8 7.50 -3.34 1.70
N HIS A 9 7.16 -2.36 0.88
CA HIS A 9 5.92 -1.62 1.05
C HIS A 9 4.77 -2.32 0.33
N ILE A 10 3.75 -2.69 1.10
CA ILE A 10 2.58 -3.38 0.54
C ILE A 10 1.30 -2.61 0.84
N CYS A 11 0.40 -2.55 -0.14
CA CYS A 11 -0.87 -1.86 0.02
C CYS A 11 -1.73 -2.54 1.07
N HIS A 12 -1.60 -2.11 2.33
CA HIS A 12 -2.37 -2.68 3.43
C HIS A 12 -3.86 -2.53 3.17
N ILE A 13 -4.24 -1.48 2.45
CA ILE A 13 -5.64 -1.22 2.15
C ILE A 13 -6.26 -2.38 1.37
N GLN A 14 -7.36 -2.90 1.87
CA GLN A 14 -8.06 -4.01 1.22
C GLN A 14 -8.49 -3.63 -0.19
N GLY A 15 -7.75 -4.11 -1.18
CA GLY A 15 -8.08 -3.81 -2.56
C GLY A 15 -6.92 -4.06 -3.51
N CYS A 16 -5.80 -3.39 -3.26
CA CYS A 16 -4.61 -3.53 -4.08
C CYS A 16 -3.86 -4.82 -3.75
N GLY A 17 -2.67 -4.97 -4.32
CA GLY A 17 -1.87 -6.15 -4.07
C GLY A 17 -0.56 -6.13 -4.83
N LYS A 18 0.03 -4.95 -4.96
CA LYS A 18 1.29 -4.79 -5.67
C LYS A 18 2.47 -4.79 -4.70
N VAL A 19 3.65 -4.47 -5.23
CA VAL A 19 4.86 -4.44 -4.40
C VAL A 19 5.64 -3.16 -4.64
N TYR A 20 5.85 -2.39 -3.57
CA TYR A 20 6.59 -1.14 -3.66
C TYR A 20 7.70 -1.09 -2.62
N GLY A 21 8.73 -0.30 -2.91
CA GLY A 21 9.85 -0.18 -2.00
C GLY A 21 10.27 1.27 -1.78
N LYS A 22 9.30 2.17 -1.75
CA LYS A 22 9.57 3.59 -1.56
C LYS A 22 8.42 4.27 -0.83
N THR A 23 8.72 4.91 0.29
CA THR A 23 7.71 5.60 1.08
C THR A 23 7.23 6.86 0.35
N SER A 24 8.17 7.63 -0.19
CA SER A 24 7.83 8.85 -0.91
C SER A 24 6.86 8.56 -2.05
N HIS A 25 6.99 7.37 -2.64
CA HIS A 25 6.11 6.98 -3.74
C HIS A 25 4.74 6.58 -3.20
N LEU A 26 4.72 6.05 -1.99
CA LEU A 26 3.47 5.63 -1.36
C LEU A 26 2.52 6.81 -1.22
N ARG A 27 3.06 7.98 -0.91
CA ARG A 27 2.27 9.19 -0.75
C ARG A 27 1.48 9.49 -2.03
N ALA A 28 2.11 9.29 -3.17
CA ALA A 28 1.47 9.54 -4.46
C ALA A 28 0.47 8.43 -4.79
N HIS A 29 0.78 7.22 -4.38
CA HIS A 29 -0.09 6.08 -4.64
C HIS A 29 -1.29 6.09 -3.70
N LEU A 30 -1.08 6.58 -2.48
CA LEU A 30 -2.14 6.65 -1.48
C LEU A 30 -3.25 7.60 -1.93
N ARG A 31 -2.86 8.76 -2.44
CA ARG A 31 -3.82 9.75 -2.90
C ARG A 31 -4.70 9.18 -4.01
N TRP A 32 -4.14 8.25 -4.78
CA TRP A 32 -4.88 7.63 -5.88
C TRP A 32 -6.00 6.75 -5.34
N HIS A 33 -5.72 6.02 -4.27
CA HIS A 33 -6.71 5.13 -3.67
C HIS A 33 -7.88 5.92 -3.12
N THR A 34 -7.58 7.03 -2.44
CA THR A 34 -8.61 7.88 -1.86
C THR A 34 -9.03 8.98 -2.84
N GLY A 35 -10.28 8.92 -3.29
CA GLY A 35 -10.79 9.91 -4.23
C GLY A 35 -11.11 9.30 -5.58
N GLU A 36 -11.62 8.07 -5.57
CA GLU A 36 -11.98 7.39 -6.81
C GLU A 36 -13.20 6.50 -6.61
N ARG A 37 -13.17 5.69 -5.54
CA ARG A 37 -14.28 4.79 -5.23
C ARG A 37 -14.66 4.90 -3.76
ZN ZN B . -2.54 0.11 -4.11
N MET A 1 2.58 -17.78 11.33
CA MET A 1 3.24 -18.79 10.48
C MET A 1 4.76 -18.72 10.61
N ASP A 2 5.27 -17.52 10.85
CA ASP A 2 6.71 -17.31 10.99
C ASP A 2 7.00 -16.25 12.06
N PRO A 3 7.60 -16.66 13.20
CA PRO A 3 7.94 -15.74 14.28
C PRO A 3 8.70 -14.52 13.80
N GLY A 4 7.98 -13.42 13.62
CA GLY A 4 8.59 -12.19 13.15
C GLY A 4 7.59 -11.20 12.62
N LYS A 5 8.08 -10.09 12.06
CA LYS A 5 7.21 -9.07 11.50
C LYS A 5 7.66 -8.67 10.10
N LYS A 6 6.80 -7.96 9.38
CA LYS A 6 7.11 -7.51 8.03
C LYS A 6 6.75 -6.04 7.85
N LYS A 7 7.62 -5.28 7.19
CA LYS A 7 7.39 -3.87 6.94
C LYS A 7 7.02 -3.61 5.49
N GLN A 8 6.22 -4.51 4.93
CA GLN A 8 5.79 -4.39 3.53
C GLN A 8 4.51 -3.56 3.43
N HIS A 9 4.57 -2.49 2.64
CA HIS A 9 3.42 -1.62 2.45
C HIS A 9 2.57 -2.08 1.28
N ILE A 10 1.39 -2.62 1.59
CA ILE A 10 0.48 -3.11 0.56
C ILE A 10 -0.89 -2.44 0.67
N CYS A 11 -1.49 -2.16 -0.48
CA CYS A 11 -2.81 -1.52 -0.51
C CYS A 11 -3.85 -2.38 0.21
N HIS A 12 -4.45 -1.82 1.25
CA HIS A 12 -5.46 -2.53 2.02
C HIS A 12 -6.82 -1.84 1.90
N ILE A 13 -7.25 -1.59 0.66
CA ILE A 13 -8.53 -0.93 0.42
C ILE A 13 -9.49 -1.89 -0.27
N GLN A 14 -9.42 -3.16 0.10
CA GLN A 14 -10.29 -4.19 -0.46
C GLN A 14 -10.36 -4.08 -1.98
N GLY A 15 -9.25 -3.67 -2.59
CA GLY A 15 -9.21 -3.54 -4.03
C GLY A 15 -7.83 -3.81 -4.61
N CYS A 16 -6.89 -2.91 -4.33
CA CYS A 16 -5.53 -3.06 -4.82
C CYS A 16 -4.83 -4.23 -4.14
N GLY A 17 -3.54 -4.40 -4.44
CA GLY A 17 -2.78 -5.48 -3.85
C GLY A 17 -1.35 -5.52 -4.34
N LYS A 18 -0.76 -4.35 -4.54
CA LYS A 18 0.61 -4.25 -5.00
C LYS A 18 1.60 -4.36 -3.84
N VAL A 19 2.87 -4.07 -4.11
CA VAL A 19 3.89 -4.14 -3.08
C VAL A 19 4.68 -2.83 -3.00
N TYR A 20 4.98 -2.40 -1.78
CA TYR A 20 5.71 -1.17 -1.56
C TYR A 20 6.59 -1.26 -0.31
N GLY A 21 7.65 -0.48 -0.28
CA GLY A 21 8.55 -0.50 0.85
C GLY A 21 8.93 0.90 1.32
N LYS A 22 8.09 1.87 1.01
CA LYS A 22 8.35 3.26 1.40
C LYS A 22 7.05 4.01 1.63
N THR A 23 6.87 4.51 2.85
CA THR A 23 5.66 5.25 3.20
C THR A 23 5.51 6.50 2.32
N SER A 24 6.63 7.12 1.99
CA SER A 24 6.61 8.32 1.15
C SER A 24 5.98 8.02 -0.20
N HIS A 25 6.17 6.79 -0.68
CA HIS A 25 5.60 6.38 -1.96
C HIS A 25 4.10 6.17 -1.84
N LEU A 26 3.65 5.79 -0.64
CA LEU A 26 2.23 5.56 -0.40
C LEU A 26 1.41 6.79 -0.76
N ARG A 27 1.92 7.95 -0.37
CA ARG A 27 1.23 9.22 -0.65
C ARG A 27 0.99 9.39 -2.14
N ALA A 28 2.04 9.22 -2.93
CA ALA A 28 1.93 9.36 -4.38
C ALA A 28 0.90 8.40 -4.96
N HIS A 29 0.78 7.23 -4.33
CA HIS A 29 -0.17 6.22 -4.78
C HIS A 29 -1.59 6.56 -4.33
N LEU A 30 -1.70 7.14 -3.14
CA LEU A 30 -2.99 7.52 -2.59
C LEU A 30 -3.70 8.53 -3.49
N ARG A 31 -2.93 9.44 -4.07
CA ARG A 31 -3.50 10.45 -4.95
C ARG A 31 -4.21 9.82 -6.14
N TRP A 32 -3.72 8.65 -6.56
CA TRP A 32 -4.31 7.94 -7.69
C TRP A 32 -5.71 7.45 -7.34
N HIS A 33 -5.86 6.85 -6.16
CA HIS A 33 -7.14 6.35 -5.72
C HIS A 33 -8.17 7.47 -5.63
N THR A 34 -7.70 8.66 -5.29
CA THR A 34 -8.58 9.82 -5.17
C THR A 34 -8.98 10.35 -6.55
N GLY A 35 -10.27 10.59 -6.74
CA GLY A 35 -10.75 11.09 -8.01
C GLY A 35 -10.83 10.02 -9.07
N GLU A 36 -11.58 8.96 -8.78
CA GLU A 36 -11.74 7.86 -9.73
C GLU A 36 -12.52 8.30 -10.96
N ARG A 37 -13.61 9.02 -10.74
CA ARG A 37 -14.44 9.51 -11.83
C ARG A 37 -14.65 11.02 -11.73
ZN ZN B . -3.85 0.91 -4.57
N MET A 1 8.37 -23.20 14.25
CA MET A 1 8.27 -21.94 15.02
C MET A 1 7.99 -20.76 14.10
N ASP A 2 7.53 -19.65 14.67
CA ASP A 2 7.21 -18.45 13.90
C ASP A 2 8.49 -17.72 13.53
N PRO A 3 8.83 -17.66 12.22
CA PRO A 3 10.03 -16.97 11.74
C PRO A 3 10.11 -15.54 12.25
N GLY A 4 8.97 -14.89 12.39
CA GLY A 4 8.93 -13.53 12.87
C GLY A 4 7.98 -12.65 12.08
N LYS A 5 8.15 -11.35 12.18
CA LYS A 5 7.29 -10.40 11.47
C LYS A 5 8.11 -9.52 10.53
N LYS A 6 7.56 -9.22 9.37
CA LYS A 6 8.23 -8.38 8.39
C LYS A 6 7.40 -7.15 8.03
N LYS A 7 8.04 -6.00 7.93
CA LYS A 7 7.35 -4.76 7.59
C LYS A 7 7.07 -4.69 6.10
N GLN A 8 5.78 -4.64 5.75
CA GLN A 8 5.37 -4.57 4.36
C GLN A 8 4.30 -3.50 4.15
N HIS A 9 4.30 -2.87 2.98
CA HIS A 9 3.33 -1.84 2.66
C HIS A 9 2.27 -2.36 1.69
N ILE A 10 1.01 -2.33 2.13
CA ILE A 10 -0.09 -2.80 1.29
C ILE A 10 -1.23 -1.79 1.26
N CYS A 11 -2.05 -1.86 0.22
CA CYS A 11 -3.18 -0.95 0.07
C CYS A 11 -4.22 -1.19 1.16
N HIS A 12 -4.33 -0.24 2.08
CA HIS A 12 -5.29 -0.35 3.17
C HIS A 12 -6.71 -0.50 2.64
N ILE A 13 -6.93 0.03 1.44
CA ILE A 13 -8.24 -0.05 0.80
C ILE A 13 -8.44 -1.38 0.09
N GLN A 14 -9.67 -1.87 0.09
CA GLN A 14 -10.00 -3.14 -0.55
C GLN A 14 -10.10 -2.96 -2.06
N GLY A 15 -9.01 -2.54 -2.69
CA GLY A 15 -9.00 -2.34 -4.13
C GLY A 15 -7.92 -3.14 -4.83
N CYS A 16 -6.67 -2.70 -4.70
CA CYS A 16 -5.55 -3.39 -5.33
C CYS A 16 -4.70 -4.10 -4.27
N GLY A 17 -3.53 -4.56 -4.69
CA GLY A 17 -2.64 -5.26 -3.78
C GLY A 17 -1.18 -4.99 -4.09
N LYS A 18 -0.88 -3.78 -4.56
CA LYS A 18 0.48 -3.41 -4.89
C LYS A 18 1.32 -3.22 -3.64
N VAL A 19 2.54 -2.71 -3.81
CA VAL A 19 3.44 -2.49 -2.69
C VAL A 19 4.34 -1.29 -2.93
N TYR A 20 4.81 -0.67 -1.85
CA TYR A 20 5.67 0.50 -1.95
C TYR A 20 6.71 0.50 -0.84
N GLY A 21 7.83 1.18 -1.08
CA GLY A 21 8.90 1.24 -0.10
C GLY A 21 8.48 1.97 1.16
N LYS A 22 8.21 3.26 1.05
CA LYS A 22 7.81 4.07 2.19
C LYS A 22 6.36 4.52 2.07
N THR A 23 5.80 4.97 3.19
CA THR A 23 4.41 5.43 3.22
C THR A 23 4.20 6.61 2.28
N SER A 24 5.27 7.37 2.03
CA SER A 24 5.20 8.53 1.15
C SER A 24 4.63 8.13 -0.22
N HIS A 25 4.84 6.88 -0.59
CA HIS A 25 4.34 6.37 -1.87
C HIS A 25 2.84 6.13 -1.80
N LEU A 26 2.34 5.85 -0.61
CA LEU A 26 0.91 5.60 -0.41
C LEU A 26 0.09 6.80 -0.89
N ARG A 27 0.57 8.00 -0.58
CA ARG A 27 -0.11 9.22 -0.97
C ARG A 27 -0.30 9.27 -2.48
N ALA A 28 0.79 9.08 -3.22
CA ALA A 28 0.73 9.11 -4.67
C ALA A 28 -0.24 8.06 -5.21
N HIS A 29 -0.35 6.94 -4.50
CA HIS A 29 -1.24 5.87 -4.89
C HIS A 29 -2.69 6.20 -4.50
N LEU A 30 -2.86 6.80 -3.32
CA LEU A 30 -4.19 7.16 -2.83
C LEU A 30 -4.87 8.15 -3.76
N ARG A 31 -4.10 9.14 -4.21
CA ARG A 31 -4.63 10.16 -5.12
C ARG A 31 -5.17 9.54 -6.40
N TRP A 32 -4.58 8.41 -6.80
CA TRP A 32 -4.99 7.71 -8.00
C TRP A 32 -6.36 7.06 -7.80
N HIS A 33 -6.63 6.63 -6.56
CA HIS A 33 -7.89 5.98 -6.24
C HIS A 33 -9.02 7.00 -6.17
N THR A 34 -8.69 8.23 -5.79
CA THR A 34 -9.68 9.30 -5.69
C THR A 34 -9.67 10.18 -6.94
N GLY A 35 -9.33 9.58 -8.08
CA GLY A 35 -9.29 10.31 -9.32
C GLY A 35 -10.00 9.59 -10.44
N GLU A 36 -9.25 8.82 -11.23
CA GLU A 36 -9.81 8.08 -12.35
C GLU A 36 -10.40 9.02 -13.39
N ARG A 37 -11.60 9.52 -13.14
CA ARG A 37 -12.26 10.44 -14.06
C ARG A 37 -12.56 11.77 -13.39
ZN ZN B . -4.84 0.54 -4.21
N MET A 1 10.51 -15.54 15.62
CA MET A 1 10.13 -14.17 15.20
C MET A 1 8.96 -13.64 16.00
N ASP A 2 9.10 -12.43 16.54
CA ASP A 2 8.04 -11.82 17.35
C ASP A 2 7.00 -11.16 16.45
N PRO A 3 7.43 -10.29 15.52
CA PRO A 3 6.52 -9.59 14.61
C PRO A 3 5.65 -10.56 13.80
N GLY A 4 4.47 -10.11 13.43
CA GLY A 4 3.57 -10.95 12.65
C GLY A 4 3.79 -10.82 11.16
N LYS A 5 3.78 -9.59 10.67
CA LYS A 5 3.98 -9.33 9.25
C LYS A 5 4.70 -8.01 9.04
N LYS A 6 5.84 -8.07 8.34
CA LYS A 6 6.63 -6.87 8.07
C LYS A 6 7.10 -6.85 6.63
N LYS A 7 7.62 -5.70 6.19
CA LYS A 7 8.11 -5.55 4.83
C LYS A 7 6.98 -5.74 3.82
N GLN A 8 7.17 -5.19 2.62
CA GLN A 8 6.17 -5.30 1.56
C GLN A 8 4.87 -4.61 1.96
N HIS A 9 4.40 -3.69 1.12
CA HIS A 9 3.17 -2.96 1.39
C HIS A 9 2.15 -3.19 0.28
N ILE A 10 1.10 -3.93 0.58
CA ILE A 10 0.05 -4.22 -0.39
C ILE A 10 -1.18 -3.36 -0.14
N CYS A 11 -1.81 -2.91 -1.23
CA CYS A 11 -3.00 -2.08 -1.13
C CYS A 11 -4.12 -2.81 -0.40
N HIS A 12 -4.58 -2.23 0.71
CA HIS A 12 -5.65 -2.84 1.50
C HIS A 12 -7.00 -2.24 1.13
N ILE A 13 -7.17 -1.88 -0.14
CA ILE A 13 -8.42 -1.31 -0.62
C ILE A 13 -9.00 -2.12 -1.77
N GLN A 14 -10.32 -2.08 -1.90
CA GLN A 14 -11.00 -2.81 -2.96
C GLN A 14 -10.83 -2.11 -4.31
N GLY A 15 -9.65 -2.26 -4.91
CA GLY A 15 -9.39 -1.64 -6.18
C GLY A 15 -8.03 -2.00 -6.75
N CYS A 16 -7.01 -2.02 -5.90
CA CYS A 16 -5.66 -2.35 -6.33
C CYS A 16 -5.28 -3.76 -5.89
N GLY A 17 -4.10 -4.21 -6.32
CA GLY A 17 -3.63 -5.53 -5.98
C GLY A 17 -2.20 -5.76 -6.40
N LYS A 18 -1.39 -4.71 -6.36
CA LYS A 18 0.01 -4.79 -6.74
C LYS A 18 0.89 -5.03 -5.53
N VAL A 19 2.21 -4.95 -5.73
CA VAL A 19 3.16 -5.15 -4.65
C VAL A 19 4.23 -4.07 -4.66
N TYR A 20 4.37 -3.38 -3.53
CA TYR A 20 5.36 -2.31 -3.40
C TYR A 20 5.85 -2.20 -1.95
N GLY A 21 7.02 -2.76 -1.69
CA GLY A 21 7.58 -2.71 -0.35
C GLY A 21 8.27 -1.39 -0.06
N LYS A 22 7.51 -0.29 -0.14
CA LYS A 22 8.06 1.03 0.12
C LYS A 22 6.99 1.95 0.69
N THR A 23 7.17 2.35 1.95
CA THR A 23 6.23 3.24 2.61
C THR A 23 6.16 4.59 1.91
N SER A 24 7.32 5.10 1.51
CA SER A 24 7.39 6.39 0.83
C SER A 24 6.55 6.36 -0.44
N HIS A 25 6.55 5.22 -1.12
CA HIS A 25 5.78 5.07 -2.36
C HIS A 25 4.30 4.91 -2.05
N LEU A 26 4.01 4.34 -0.88
CA LEU A 26 2.62 4.12 -0.47
C LEU A 26 1.91 5.45 -0.24
N ARG A 27 2.64 6.42 0.31
CA ARG A 27 2.09 7.73 0.59
C ARG A 27 1.71 8.45 -0.71
N ALA A 28 2.55 8.30 -1.73
CA ALA A 28 2.30 8.93 -3.02
C ALA A 28 1.23 8.17 -3.80
N HIS A 29 1.24 6.85 -3.67
CA HIS A 29 0.27 6.00 -4.36
C HIS A 29 -1.10 6.07 -3.67
N LEU A 30 -1.09 6.27 -2.37
CA LEU A 30 -2.32 6.36 -1.60
C LEU A 30 -3.14 7.60 -1.97
N ARG A 31 -2.44 8.70 -2.21
CA ARG A 31 -3.10 9.95 -2.58
C ARG A 31 -3.92 9.79 -3.85
N TRP A 32 -3.47 8.89 -4.73
CA TRP A 32 -4.16 8.64 -5.98
C TRP A 32 -5.50 7.95 -5.74
N HIS A 33 -5.49 6.94 -4.88
CA HIS A 33 -6.70 6.20 -4.56
C HIS A 33 -7.76 7.11 -3.95
N THR A 34 -7.30 8.13 -3.24
CA THR A 34 -8.21 9.08 -2.59
C THR A 34 -8.72 10.11 -3.60
N GLY A 35 -9.81 9.77 -4.28
CA GLY A 35 -10.39 10.68 -5.26
C GLY A 35 -10.25 10.15 -6.67
N GLU A 36 -11.33 10.25 -7.45
CA GLU A 36 -11.33 9.79 -8.83
C GLU A 36 -12.22 10.67 -9.70
N ARG A 37 -13.43 10.95 -9.22
CA ARG A 37 -14.37 11.78 -9.95
C ARG A 37 -14.71 11.15 -11.30
ZN ZN B . -3.28 0.65 -5.18
N MET A 1 9.37 -13.09 16.75
CA MET A 1 10.06 -11.80 16.45
C MET A 1 10.62 -11.79 15.04
N ASP A 2 10.55 -10.63 14.39
CA ASP A 2 11.04 -10.48 13.03
C ASP A 2 11.36 -9.01 12.72
N PRO A 3 12.61 -8.71 12.35
CA PRO A 3 13.02 -7.34 12.02
C PRO A 3 12.44 -6.85 10.71
N GLY A 4 11.39 -6.05 10.79
CA GLY A 4 10.75 -5.53 9.59
C GLY A 4 9.27 -5.25 9.78
N LYS A 5 8.47 -5.50 8.75
CA LYS A 5 7.04 -5.28 8.81
C LYS A 5 6.28 -6.60 8.72
N LYS A 6 5.09 -6.64 9.31
CA LYS A 6 4.26 -7.84 9.29
C LYS A 6 3.33 -7.84 8.10
N LYS A 7 3.10 -9.02 7.53
CA LYS A 7 2.23 -9.16 6.37
C LYS A 7 2.73 -8.34 5.19
N GLN A 8 2.00 -8.36 4.09
CA GLN A 8 2.37 -7.62 2.90
C GLN A 8 1.39 -6.48 2.62
N HIS A 9 1.91 -5.37 2.14
CA HIS A 9 1.07 -4.20 1.84
C HIS A 9 0.34 -4.40 0.50
N ILE A 10 -0.98 -4.59 0.58
CA ILE A 10 -1.79 -4.78 -0.61
C ILE A 10 -2.97 -3.81 -0.64
N CYS A 11 -3.28 -3.29 -1.82
CA CYS A 11 -4.39 -2.35 -1.98
C CYS A 11 -5.70 -2.99 -1.55
N HIS A 12 -6.00 -2.91 -0.25
CA HIS A 12 -7.23 -3.47 0.29
C HIS A 12 -8.45 -2.86 -0.38
N ILE A 13 -8.31 -1.63 -0.87
CA ILE A 13 -9.39 -0.93 -1.54
C ILE A 13 -9.87 -1.71 -2.76
N GLN A 14 -11.15 -1.55 -3.09
CA GLN A 14 -11.74 -2.23 -4.24
C GLN A 14 -11.35 -1.54 -5.54
N GLY A 15 -10.37 -2.12 -6.23
CA GLY A 15 -9.93 -1.56 -7.49
C GLY A 15 -8.54 -2.03 -7.88
N CYS A 16 -7.55 -1.73 -7.04
CA CYS A 16 -6.18 -2.13 -7.31
C CYS A 16 -5.95 -3.59 -6.93
N GLY A 17 -4.69 -4.02 -6.99
CA GLY A 17 -4.36 -5.39 -6.66
C GLY A 17 -2.89 -5.69 -6.84
N LYS A 18 -2.04 -4.72 -6.51
CA LYS A 18 -0.60 -4.88 -6.64
C LYS A 18 0.01 -5.42 -5.35
N VAL A 19 1.34 -5.44 -5.30
CA VAL A 19 2.05 -5.93 -4.12
C VAL A 19 3.20 -5.01 -3.74
N TYR A 20 3.20 -4.54 -2.50
CA TYR A 20 4.26 -3.65 -2.02
C TYR A 20 4.73 -4.07 -0.63
N GLY A 21 5.95 -3.72 -0.30
CA GLY A 21 6.50 -4.06 1.01
C GLY A 21 7.08 -2.86 1.73
N LYS A 22 6.45 -1.70 1.55
CA LYS A 22 6.89 -0.47 2.19
C LYS A 22 5.71 0.44 2.49
N THR A 23 5.57 0.82 3.76
CA THR A 23 4.49 1.71 4.17
C THR A 23 4.69 3.12 3.64
N SER A 24 5.95 3.54 3.58
CA SER A 24 6.29 4.88 3.10
C SER A 24 5.80 5.06 1.67
N HIS A 25 5.82 3.99 0.89
CA HIS A 25 5.38 4.04 -0.50
C HIS A 25 3.86 4.08 -0.57
N LEU A 26 3.21 3.48 0.42
CA LEU A 26 1.75 3.45 0.48
C LEU A 26 1.18 4.86 0.55
N ARG A 27 1.90 5.75 1.21
CA ARG A 27 1.45 7.13 1.36
C ARG A 27 1.37 7.81 -0.01
N ALA A 28 2.42 7.66 -0.82
CA ALA A 28 2.47 8.26 -2.13
C ALA A 28 1.46 7.60 -3.07
N HIS A 29 1.23 6.32 -2.86
CA HIS A 29 0.29 5.57 -3.69
C HIS A 29 -1.14 5.83 -3.26
N LEU A 30 -1.36 5.95 -1.95
CA LEU A 30 -2.70 6.20 -1.41
C LEU A 30 -3.25 7.52 -1.94
N ARG A 31 -2.42 8.56 -1.94
CA ARG A 31 -2.83 9.86 -2.42
C ARG A 31 -3.29 9.80 -3.87
N TRP A 32 -2.72 8.87 -4.63
CA TRP A 32 -3.08 8.70 -6.03
C TRP A 32 -4.50 8.16 -6.17
N HIS A 33 -4.88 7.28 -5.27
CA HIS A 33 -6.21 6.68 -5.29
C HIS A 33 -7.28 7.72 -4.95
N THR A 34 -7.00 8.52 -3.92
CA THR A 34 -7.94 9.55 -3.49
C THR A 34 -7.92 10.74 -4.46
N GLY A 35 -6.75 11.02 -5.01
CA GLY A 35 -6.62 12.13 -5.94
C GLY A 35 -6.55 11.67 -7.39
N GLU A 36 -7.62 11.02 -7.84
CA GLU A 36 -7.67 10.53 -9.22
C GLU A 36 -8.58 11.42 -10.07
N ARG A 37 -9.84 11.54 -9.66
CA ARG A 37 -10.80 12.37 -10.38
C ARG A 37 -11.52 13.33 -9.45
ZN ZN B . -3.52 0.71 -5.59
N MET A 1 19.28 -13.09 7.00
CA MET A 1 18.44 -12.31 7.94
C MET A 1 17.02 -12.87 8.02
N ASP A 2 16.45 -12.87 9.22
CA ASP A 2 15.10 -13.39 9.43
C ASP A 2 14.46 -12.77 10.67
N PRO A 3 13.70 -11.68 10.49
CA PRO A 3 13.04 -11.00 11.61
C PRO A 3 11.93 -11.84 12.22
N GLY A 4 11.33 -12.71 11.41
CA GLY A 4 10.26 -13.56 11.89
C GLY A 4 8.88 -12.98 11.59
N LYS A 5 8.74 -11.68 11.77
CA LYS A 5 7.47 -11.01 11.52
C LYS A 5 7.59 -10.02 10.37
N LYS A 6 6.48 -9.80 9.66
CA LYS A 6 6.46 -8.88 8.54
C LYS A 6 5.03 -8.43 8.23
N LYS A 7 4.77 -7.15 8.38
CA LYS A 7 3.45 -6.59 8.12
C LYS A 7 3.31 -6.18 6.65
N GLN A 8 2.09 -6.27 6.14
CA GLN A 8 1.83 -5.91 4.74
C GLN A 8 0.56 -5.07 4.64
N HIS A 9 0.57 -4.11 3.71
CA HIS A 9 -0.59 -3.24 3.52
C HIS A 9 -1.20 -3.46 2.14
N ILE A 10 -2.47 -3.82 2.11
CA ILE A 10 -3.18 -4.06 0.86
C ILE A 10 -4.20 -2.96 0.58
N CYS A 11 -4.37 -2.62 -0.69
CA CYS A 11 -5.30 -1.59 -1.09
C CYS A 11 -6.75 -2.03 -0.87
N HIS A 12 -7.32 -1.63 0.27
CA HIS A 12 -8.69 -2.00 0.60
C HIS A 12 -9.66 -1.48 -0.46
N ILE A 13 -9.28 -0.42 -1.15
CA ILE A 13 -10.12 0.17 -2.19
C ILE A 13 -10.36 -0.84 -3.32
N GLN A 14 -11.50 -0.69 -3.98
CA GLN A 14 -11.87 -1.58 -5.08
C GLN A 14 -11.11 -1.20 -6.35
N GLY A 15 -10.11 -2.01 -6.69
CA GLY A 15 -9.32 -1.74 -7.88
C GLY A 15 -7.90 -2.27 -7.79
N CYS A 16 -7.13 -1.72 -6.85
CA CYS A 16 -5.75 -2.13 -6.66
C CYS A 16 -5.68 -3.38 -5.79
N GLY A 17 -4.46 -3.90 -5.63
CA GLY A 17 -4.27 -5.10 -4.82
C GLY A 17 -2.81 -5.43 -4.63
N LYS A 18 -1.98 -4.41 -4.51
CA LYS A 18 -0.54 -4.59 -4.32
C LYS A 18 -0.21 -4.75 -2.84
N VAL A 19 1.08 -4.75 -2.53
CA VAL A 19 1.54 -4.89 -1.15
C VAL A 19 2.44 -3.73 -0.75
N TYR A 20 2.56 -3.50 0.56
CA TYR A 20 3.39 -2.42 1.08
C TYR A 20 3.93 -2.77 2.46
N GLY A 21 5.06 -2.18 2.82
CA GLY A 21 5.66 -2.43 4.12
C GLY A 21 5.56 -1.25 5.05
N LYS A 22 5.49 -0.04 4.49
CA LYS A 22 5.40 1.17 5.28
C LYS A 22 4.15 1.97 4.92
N THR A 23 3.51 2.53 5.94
CA THR A 23 2.29 3.32 5.73
C THR A 23 2.62 4.65 5.04
N SER A 24 3.82 5.16 5.29
CA SER A 24 4.25 6.41 4.68
C SER A 24 4.12 6.35 3.15
N HIS A 25 4.26 5.14 2.61
CA HIS A 25 4.14 4.95 1.18
C HIS A 25 2.69 5.03 0.72
N LEU A 26 1.78 4.70 1.64
CA LEU A 26 0.35 4.74 1.34
C LEU A 26 -0.09 6.16 0.98
N ARG A 27 0.57 7.15 1.58
CA ARG A 27 0.25 8.55 1.32
C ARG A 27 0.53 8.92 -0.13
N ALA A 28 1.71 8.52 -0.61
CA ALA A 28 2.10 8.82 -1.98
C ALA A 28 1.28 8.00 -2.98
N HIS A 29 0.91 6.79 -2.57
CA HIS A 29 0.11 5.92 -3.43
C HIS A 29 -1.36 6.31 -3.41
N LEU A 30 -1.84 6.74 -2.24
CA LEU A 30 -3.22 7.15 -2.10
C LEU A 30 -3.55 8.32 -3.01
N ARG A 31 -2.67 9.31 -3.03
CA ARG A 31 -2.86 10.48 -3.87
C ARG A 31 -2.97 10.10 -5.34
N TRP A 32 -2.32 9.01 -5.71
CA TRP A 32 -2.35 8.53 -7.09
C TRP A 32 -3.71 7.96 -7.43
N HIS A 33 -4.38 7.38 -6.43
CA HIS A 33 -5.70 6.80 -6.63
C HIS A 33 -6.76 7.89 -6.81
N THR A 34 -6.70 8.89 -5.94
CA THR A 34 -7.65 10.00 -6.00
C THR A 34 -7.37 10.90 -7.19
N GLY A 35 -8.24 10.83 -8.20
CA GLY A 35 -8.07 11.65 -9.38
C GLY A 35 -7.54 10.85 -10.56
N GLU A 36 -8.44 10.52 -11.49
CA GLU A 36 -8.07 9.76 -12.68
C GLU A 36 -8.42 10.52 -13.94
N ARG A 37 -8.03 9.96 -15.09
CA ARG A 37 -8.31 10.59 -16.38
C ARG A 37 -9.14 9.67 -17.26
ZN ZN B . -3.58 0.82 -5.01
N MET A 1 4.60 -10.89 19.55
CA MET A 1 5.81 -10.39 18.86
C MET A 1 5.53 -10.11 17.38
N ASP A 2 5.73 -8.86 16.98
CA ASP A 2 5.51 -8.47 15.59
C ASP A 2 6.76 -8.69 14.75
N PRO A 3 7.91 -8.16 15.19
CA PRO A 3 9.18 -8.31 14.46
C PRO A 3 9.50 -9.77 14.17
N GLY A 4 10.52 -9.99 13.33
CA GLY A 4 10.90 -11.35 12.98
C GLY A 4 11.12 -11.52 11.49
N LYS A 5 10.12 -11.12 10.70
CA LYS A 5 10.21 -11.25 9.25
C LYS A 5 9.55 -10.05 8.57
N LYS A 6 9.79 -9.91 7.27
CA LYS A 6 9.23 -8.80 6.50
C LYS A 6 7.87 -9.20 5.92
N LYS A 7 7.13 -8.20 5.44
CA LYS A 7 5.81 -8.44 4.85
C LYS A 7 5.60 -7.58 3.62
N GLN A 8 4.64 -7.96 2.79
CA GLN A 8 4.34 -7.23 1.57
C GLN A 8 3.12 -6.33 1.77
N HIS A 9 3.24 -5.07 1.37
CA HIS A 9 2.15 -4.11 1.50
C HIS A 9 1.23 -4.15 0.28
N ILE A 10 -0.03 -4.54 0.51
CA ILE A 10 -1.00 -4.62 -0.56
C ILE A 10 -2.11 -3.60 -0.37
N CYS A 11 -2.65 -3.10 -1.47
CA CYS A 11 -3.73 -2.12 -1.42
C CYS A 11 -4.95 -2.68 -0.70
N HIS A 12 -5.30 -2.07 0.43
CA HIS A 12 -6.46 -2.51 1.20
C HIS A 12 -7.72 -1.75 0.79
N ILE A 13 -7.73 -1.25 -0.45
CA ILE A 13 -8.88 -0.52 -0.97
C ILE A 13 -9.41 -1.18 -2.23
N GLN A 14 -10.72 -1.03 -2.45
CA GLN A 14 -11.35 -1.61 -3.63
C GLN A 14 -10.94 -0.87 -4.89
N GLY A 15 -9.65 -0.94 -5.22
CA GLY A 15 -9.16 -0.27 -6.40
C GLY A 15 -8.26 -1.15 -7.24
N CYS A 16 -6.99 -1.26 -6.83
CA CYS A 16 -6.03 -2.08 -7.56
C CYS A 16 -5.48 -3.20 -6.68
N GLY A 17 -4.48 -3.91 -7.19
CA GLY A 17 -3.89 -5.00 -6.44
C GLY A 17 -2.39 -5.10 -6.66
N LYS A 18 -1.73 -3.94 -6.73
CA LYS A 18 -0.29 -3.90 -6.94
C LYS A 18 0.46 -4.44 -5.71
N VAL A 19 1.77 -4.30 -5.73
CA VAL A 19 2.59 -4.76 -4.62
C VAL A 19 3.89 -3.96 -4.51
N TYR A 20 4.23 -3.58 -3.28
CA TYR A 20 5.44 -2.80 -3.03
C TYR A 20 6.04 -3.15 -1.67
N GLY A 21 7.37 -3.10 -1.58
CA GLY A 21 8.03 -3.43 -0.34
C GLY A 21 8.52 -2.19 0.40
N LYS A 22 7.78 -1.10 0.25
CA LYS A 22 8.14 0.16 0.90
C LYS A 22 6.88 0.97 1.24
N THR A 23 6.67 1.20 2.53
CA THR A 23 5.51 1.97 2.98
C THR A 23 5.52 3.37 2.39
N SER A 24 6.71 3.88 2.11
CA SER A 24 6.85 5.22 1.54
C SER A 24 6.13 5.31 0.20
N HIS A 25 6.11 4.20 -0.52
CA HIS A 25 5.44 4.16 -1.83
C HIS A 25 3.92 4.10 -1.66
N LEU A 26 3.49 3.45 -0.58
CA LEU A 26 2.06 3.33 -0.31
C LEU A 26 1.41 4.71 -0.23
N ARG A 27 2.08 5.63 0.46
CA ARG A 27 1.58 6.99 0.61
C ARG A 27 1.37 7.65 -0.75
N ALA A 28 2.41 7.62 -1.58
CA ALA A 28 2.34 8.24 -2.90
C ALA A 28 1.20 7.64 -3.72
N HIS A 29 0.95 6.35 -3.52
CA HIS A 29 -0.11 5.66 -4.24
C HIS A 29 -1.47 5.97 -3.63
N LEU A 30 -1.51 6.05 -2.30
CA LEU A 30 -2.76 6.33 -1.60
C LEU A 30 -3.34 7.67 -2.03
N ARG A 31 -2.48 8.68 -2.14
CA ARG A 31 -2.91 10.01 -2.55
C ARG A 31 -3.57 9.98 -3.92
N TRP A 32 -3.14 9.04 -4.76
CA TRP A 32 -3.68 8.90 -6.10
C TRP A 32 -5.12 8.40 -6.06
N HIS A 33 -5.39 7.48 -5.13
CA HIS A 33 -6.73 6.92 -4.99
C HIS A 33 -7.72 7.99 -4.53
N THR A 34 -7.31 8.80 -3.55
CA THR A 34 -8.16 9.85 -3.03
C THR A 34 -8.34 10.97 -4.06
N GLY A 35 -9.51 11.01 -4.67
CA GLY A 35 -9.80 12.03 -5.67
C GLY A 35 -9.88 11.46 -7.08
N GLU A 36 -10.99 10.81 -7.40
CA GLU A 36 -11.19 10.22 -8.71
C GLU A 36 -12.25 10.97 -9.50
N ARG A 37 -13.43 11.14 -8.88
CA ARG A 37 -14.54 11.84 -9.52
C ARG A 37 -15.43 12.50 -8.48
ZN ZN B . -4.35 0.84 -5.27
N MET A 1 -2.01 -16.72 8.03
CA MET A 1 -1.45 -17.54 6.92
C MET A 1 -0.03 -17.13 6.60
N ASP A 2 0.15 -15.86 6.24
CA ASP A 2 1.46 -15.33 5.90
C ASP A 2 2.36 -15.27 7.14
N PRO A 3 3.68 -15.42 6.96
CA PRO A 3 4.65 -15.39 8.06
C PRO A 3 4.48 -14.14 8.93
N GLY A 4 4.56 -12.98 8.30
CA GLY A 4 4.42 -11.72 9.03
C GLY A 4 5.74 -10.99 9.18
N LYS A 5 6.09 -10.21 8.16
CA LYS A 5 7.34 -9.45 8.18
C LYS A 5 7.14 -8.12 8.90
N LYS A 6 8.14 -7.74 9.71
CA LYS A 6 8.08 -6.49 10.44
C LYS A 6 8.32 -5.30 9.52
N LYS A 7 7.82 -4.12 9.94
CA LYS A 7 7.98 -2.90 9.15
C LYS A 7 7.71 -3.14 7.66
N GLN A 8 6.46 -2.94 7.25
CA GLN A 8 6.08 -3.14 5.86
C GLN A 8 4.96 -2.19 5.47
N HIS A 9 4.87 -1.88 4.18
CA HIS A 9 3.84 -0.98 3.67
C HIS A 9 2.97 -1.69 2.64
N ILE A 10 1.77 -2.08 3.05
CA ILE A 10 0.84 -2.77 2.16
C ILE A 10 -0.48 -2.01 2.05
N CYS A 11 -1.15 -2.16 0.91
CA CYS A 11 -2.43 -1.49 0.69
C CYS A 11 -3.54 -2.16 1.49
N HIS A 12 -4.10 -1.43 2.45
CA HIS A 12 -5.17 -1.95 3.29
C HIS A 12 -6.48 -2.05 2.50
N ILE A 13 -6.57 -1.30 1.42
CA ILE A 13 -7.77 -1.31 0.58
C ILE A 13 -8.08 -2.71 0.08
N GLN A 14 -9.36 -2.97 -0.15
CA GLN A 14 -9.80 -4.27 -0.64
C GLN A 14 -9.65 -4.37 -2.15
N GLY A 15 -8.43 -4.19 -2.63
CA GLY A 15 -8.18 -4.27 -4.07
C GLY A 15 -6.70 -4.42 -4.39
N CYS A 16 -5.88 -3.54 -3.83
CA CYS A 16 -4.44 -3.57 -4.07
C CYS A 16 -3.75 -4.44 -3.02
N GLY A 17 -2.44 -4.62 -3.18
CA GLY A 17 -1.69 -5.43 -2.24
C GLY A 17 -0.21 -5.47 -2.56
N LYS A 18 0.35 -4.32 -2.92
CA LYS A 18 1.77 -4.23 -3.26
C LYS A 18 2.60 -3.96 -2.01
N VAL A 19 3.88 -3.67 -2.20
CA VAL A 19 4.78 -3.39 -1.09
C VAL A 19 5.86 -2.39 -1.49
N TYR A 20 6.12 -1.43 -0.60
CA TYR A 20 7.14 -0.42 -0.85
C TYR A 20 8.05 -0.24 0.36
N GLY A 21 9.29 0.16 0.12
CA GLY A 21 10.22 0.36 1.21
C GLY A 21 10.28 1.80 1.68
N LYS A 22 9.30 2.60 1.26
CA LYS A 22 9.25 4.00 1.66
C LYS A 22 7.81 4.50 1.76
N THR A 23 7.49 5.16 2.86
CA THR A 23 6.14 5.68 3.07
C THR A 23 5.84 6.82 2.11
N SER A 24 6.89 7.55 1.72
CA SER A 24 6.73 8.67 0.80
C SER A 24 6.06 8.23 -0.49
N HIS A 25 6.30 6.98 -0.89
CA HIS A 25 5.70 6.43 -2.10
C HIS A 25 4.22 6.18 -1.91
N LEU A 26 3.82 5.92 -0.66
CA LEU A 26 2.43 5.66 -0.34
C LEU A 26 1.55 6.82 -0.77
N ARG A 27 2.02 8.04 -0.51
CA ARG A 27 1.28 9.23 -0.87
C ARG A 27 1.01 9.30 -2.37
N ALA A 28 2.08 9.13 -3.16
CA ALA A 28 1.95 9.16 -4.61
C ALA A 28 1.02 8.06 -5.11
N HIS A 29 1.03 6.94 -4.41
CA HIS A 29 0.19 5.81 -4.77
C HIS A 29 -1.25 6.01 -4.28
N LEU A 30 -1.38 6.66 -3.13
CA LEU A 30 -2.70 6.93 -2.56
C LEU A 30 -3.53 7.82 -3.47
N ARG A 31 -2.88 8.81 -4.08
CA ARG A 31 -3.56 9.74 -4.98
C ARG A 31 -4.20 8.99 -6.14
N TRP A 32 -3.59 7.88 -6.53
CA TRP A 32 -4.11 7.07 -7.64
C TRP A 32 -5.37 6.32 -7.21
N HIS A 33 -5.43 5.94 -5.94
CA HIS A 33 -6.57 5.21 -5.40
C HIS A 33 -7.78 6.14 -5.25
N THR A 34 -7.54 7.32 -4.70
CA THR A 34 -8.60 8.30 -4.50
C THR A 34 -8.82 9.13 -5.76
N GLY A 35 -10.03 9.02 -6.33
CA GLY A 35 -10.34 9.77 -7.53
C GLY A 35 -10.37 8.89 -8.76
N GLU A 36 -10.70 7.62 -8.57
CA GLU A 36 -10.75 6.68 -9.68
C GLU A 36 -12.10 6.74 -10.38
N ARG A 37 -13.17 6.82 -9.59
CA ARG A 37 -14.52 6.91 -10.14
C ARG A 37 -15.37 7.91 -9.36
ZN ZN B . -2.79 0.08 -3.94
N MET A 1 7.03 -3.53 19.08
CA MET A 1 7.45 -3.76 17.68
C MET A 1 7.70 -5.24 17.41
N ASP A 2 6.85 -5.86 16.61
CA ASP A 2 6.98 -7.27 16.28
C ASP A 2 8.18 -7.50 15.37
N PRO A 3 9.23 -8.17 15.88
CA PRO A 3 10.44 -8.45 15.10
C PRO A 3 10.19 -9.46 13.98
N GLY A 4 10.31 -9.00 12.74
CA GLY A 4 10.09 -9.88 11.61
C GLY A 4 8.98 -9.38 10.70
N LYS A 5 9.31 -9.13 9.44
CA LYS A 5 8.32 -8.66 8.47
C LYS A 5 7.80 -9.80 7.62
N LYS A 6 6.50 -9.78 7.33
CA LYS A 6 5.87 -10.82 6.52
C LYS A 6 4.85 -10.21 5.57
N LYS A 7 4.43 -11.00 4.59
CA LYS A 7 3.45 -10.54 3.61
C LYS A 7 3.97 -9.33 2.84
N GLN A 8 3.39 -9.10 1.66
CA GLN A 8 3.80 -7.97 0.83
C GLN A 8 2.86 -6.79 1.02
N HIS A 9 3.10 -5.72 0.27
CA HIS A 9 2.26 -4.53 0.36
C HIS A 9 1.25 -4.48 -0.79
N ILE A 10 0.01 -4.87 -0.49
CA ILE A 10 -1.04 -4.87 -1.49
C ILE A 10 -2.22 -4.01 -1.05
N CYS A 11 -2.92 -3.41 -2.02
CA CYS A 11 -4.06 -2.56 -1.72
C CYS A 11 -5.19 -3.37 -1.08
N HIS A 12 -5.67 -2.88 0.06
CA HIS A 12 -6.75 -3.55 0.78
C HIS A 12 -8.09 -2.91 0.47
N ILE A 13 -8.22 -2.38 -0.75
CA ILE A 13 -9.45 -1.74 -1.19
C ILE A 13 -9.94 -2.33 -2.50
N GLN A 14 -11.25 -2.56 -2.58
CA GLN A 14 -11.84 -3.13 -3.79
C GLN A 14 -11.65 -2.20 -4.99
N GLY A 15 -10.47 -2.30 -5.62
CA GLY A 15 -10.18 -1.47 -6.76
C GLY A 15 -8.81 -1.75 -7.35
N CYS A 16 -7.77 -1.54 -6.55
CA CYS A 16 -6.41 -1.77 -7.00
C CYS A 16 -6.07 -3.26 -6.95
N GLY A 17 -4.81 -3.58 -7.25
CA GLY A 17 -4.38 -4.96 -7.23
C GLY A 17 -2.93 -5.12 -7.66
N LYS A 18 -2.10 -4.18 -7.23
CA LYS A 18 -0.68 -4.21 -7.58
C LYS A 18 0.16 -4.78 -6.43
N VAL A 19 1.46 -4.57 -6.50
CA VAL A 19 2.36 -5.06 -5.46
C VAL A 19 3.45 -4.04 -5.14
N TYR A 20 3.88 -4.03 -3.88
CA TYR A 20 4.92 -3.09 -3.45
C TYR A 20 5.76 -3.71 -2.33
N GLY A 21 6.99 -3.22 -2.20
CA GLY A 21 7.88 -3.73 -1.16
C GLY A 21 8.40 -2.64 -0.26
N LYS A 22 7.66 -1.54 -0.17
CA LYS A 22 8.06 -0.41 0.67
C LYS A 22 6.84 0.33 1.22
N THR A 23 6.76 0.44 2.54
CA THR A 23 5.64 1.13 3.18
C THR A 23 5.69 2.62 2.90
N SER A 24 6.88 3.18 2.85
CA SER A 24 7.06 4.60 2.57
C SER A 24 6.42 4.98 1.24
N HIS A 25 6.53 4.08 0.26
CA HIS A 25 5.96 4.32 -1.05
C HIS A 25 4.43 4.29 -0.99
N LEU A 26 3.90 3.53 -0.03
CA LEU A 26 2.46 3.42 0.14
C LEU A 26 1.84 4.79 0.42
N ARG A 27 2.60 5.66 1.05
CA ARG A 27 2.12 7.01 1.37
C ARG A 27 1.80 7.78 0.10
N ALA A 28 2.72 7.74 -0.86
CA ALA A 28 2.54 8.44 -2.13
C ALA A 28 1.40 7.83 -2.93
N HIS A 29 1.21 6.52 -2.78
CA HIS A 29 0.16 5.81 -3.49
C HIS A 29 -1.20 6.06 -2.82
N LEU A 30 -1.18 6.18 -1.50
CA LEU A 30 -2.40 6.41 -0.73
C LEU A 30 -3.05 7.73 -1.12
N ARG A 31 -2.24 8.77 -1.24
CA ARG A 31 -2.74 10.10 -1.60
C ARG A 31 -3.43 10.05 -2.96
N TRP A 32 -2.99 9.15 -3.83
CA TRP A 32 -3.56 9.01 -5.16
C TRP A 32 -5.00 8.50 -5.06
N HIS A 33 -5.26 7.63 -4.09
CA HIS A 33 -6.59 7.08 -3.90
C HIS A 33 -7.54 8.12 -3.33
N THR A 34 -7.00 9.07 -2.56
CA THR A 34 -7.80 10.12 -1.97
C THR A 34 -7.74 11.39 -2.81
N GLY A 35 -7.69 11.23 -4.13
CA GLY A 35 -7.63 12.37 -5.01
C GLY A 35 -8.07 12.02 -6.43
N GLU A 36 -9.03 11.13 -6.55
CA GLU A 36 -9.54 10.71 -7.85
C GLU A 36 -10.78 11.51 -8.23
N ARG A 37 -11.28 11.28 -9.44
CA ARG A 37 -12.46 11.99 -9.92
C ARG A 37 -13.58 11.00 -10.26
ZN ZN B . -4.05 1.10 -4.75
N MET A 1 7.05 -12.35 19.72
CA MET A 1 8.29 -12.81 19.05
C MET A 1 8.00 -13.95 18.08
N ASP A 2 8.66 -13.92 16.92
CA ASP A 2 8.47 -14.95 15.90
C ASP A 2 9.77 -15.21 15.14
N PRO A 3 9.85 -16.35 14.44
CA PRO A 3 11.04 -16.72 13.66
C PRO A 3 11.47 -15.60 12.71
N GLY A 4 10.49 -14.96 12.09
CA GLY A 4 10.79 -13.89 11.16
C GLY A 4 9.76 -12.77 11.22
N LYS A 5 10.09 -11.63 10.63
CA LYS A 5 9.19 -10.48 10.61
C LYS A 5 9.34 -9.70 9.31
N LYS A 6 8.21 -9.48 8.63
CA LYS A 6 8.20 -8.74 7.38
C LYS A 6 7.08 -7.71 7.35
N LYS A 7 7.21 -6.72 6.47
CA LYS A 7 6.20 -5.68 6.35
C LYS A 7 5.81 -5.47 4.89
N GLN A 8 4.54 -5.11 4.67
CA GLN A 8 4.04 -4.89 3.32
C GLN A 8 2.86 -3.92 3.34
N HIS A 9 2.73 -3.14 2.28
CA HIS A 9 1.65 -2.17 2.17
C HIS A 9 0.65 -2.59 1.09
N ILE A 10 -0.45 -3.18 1.52
CA ILE A 10 -1.49 -3.63 0.60
C ILE A 10 -2.56 -2.57 0.42
N CYS A 11 -3.09 -2.47 -0.79
CA CYS A 11 -4.13 -1.49 -1.09
C CYS A 11 -5.49 -1.97 -0.60
N HIS A 12 -5.96 -1.38 0.50
CA HIS A 12 -7.25 -1.75 1.08
C HIS A 12 -8.38 -1.54 0.07
N ILE A 13 -8.21 -0.55 -0.80
CA ILE A 13 -9.21 -0.25 -1.81
C ILE A 13 -9.46 -1.44 -2.72
N GLN A 14 -10.68 -1.97 -2.69
CA GLN A 14 -11.03 -3.12 -3.52
C GLN A 14 -10.82 -2.81 -5.00
N GLY A 15 -9.62 -3.08 -5.49
CA GLY A 15 -9.32 -2.82 -6.89
C GLY A 15 -7.84 -2.89 -7.19
N CYS A 16 -7.03 -2.24 -6.36
CA CYS A 16 -5.58 -2.24 -6.55
C CYS A 16 -4.94 -3.44 -5.84
N GLY A 17 -3.62 -3.52 -5.92
CA GLY A 17 -2.91 -4.62 -5.29
C GLY A 17 -1.47 -4.70 -5.74
N LYS A 18 -0.77 -3.58 -5.71
CA LYS A 18 0.64 -3.54 -6.11
C LYS A 18 1.55 -4.04 -5.00
N VAL A 19 1.18 -3.75 -3.76
CA VAL A 19 1.96 -4.17 -2.61
C VAL A 19 3.39 -3.67 -2.70
N TYR A 20 3.62 -2.45 -2.21
CA TYR A 20 4.93 -1.84 -2.23
C TYR A 20 5.62 -1.98 -0.87
N GLY A 21 6.95 -1.96 -0.87
CA GLY A 21 7.70 -2.09 0.36
C GLY A 21 8.18 -0.75 0.88
N LYS A 22 7.39 0.30 0.64
CA LYS A 22 7.74 1.65 1.10
C LYS A 22 6.49 2.46 1.40
N THR A 23 6.44 3.03 2.60
CA THR A 23 5.30 3.84 3.02
C THR A 23 5.27 5.16 2.26
N SER A 24 6.44 5.70 1.95
CA SER A 24 6.54 6.95 1.22
C SER A 24 5.80 6.87 -0.10
N HIS A 25 5.79 5.68 -0.69
CA HIS A 25 5.11 5.46 -1.96
C HIS A 25 3.60 5.41 -1.77
N LEU A 26 3.18 4.97 -0.58
CA LEU A 26 1.76 4.87 -0.27
C LEU A 26 1.10 6.24 -0.28
N ARG A 27 1.83 7.26 0.17
CA ARG A 27 1.30 8.62 0.21
C ARG A 27 1.07 9.15 -1.21
N ALA A 28 2.05 8.96 -2.08
CA ALA A 28 1.96 9.41 -3.46
C ALA A 28 0.93 8.60 -4.24
N HIS A 29 0.80 7.32 -3.88
CA HIS A 29 -0.15 6.44 -4.55
C HIS A 29 -1.56 6.70 -4.03
N LEU A 30 -1.69 6.96 -2.75
CA LEU A 30 -3.00 7.22 -2.14
C LEU A 30 -3.68 8.41 -2.79
N ARG A 31 -2.90 9.44 -3.09
CA ARG A 31 -3.44 10.64 -3.72
C ARG A 31 -4.10 10.31 -5.06
N TRP A 32 -3.59 9.28 -5.72
CA TRP A 32 -4.12 8.85 -7.01
C TRP A 32 -5.52 8.28 -6.86
N HIS A 33 -5.71 7.42 -5.87
CA HIS A 33 -7.00 6.82 -5.61
C HIS A 33 -8.06 7.88 -5.30
N THR A 34 -7.70 8.83 -4.45
CA THR A 34 -8.62 9.90 -4.08
C THR A 34 -8.97 10.75 -5.29
N GLY A 35 -10.25 10.73 -5.67
CA GLY A 35 -10.70 11.50 -6.82
C GLY A 35 -10.13 10.99 -8.11
N GLU A 36 -10.92 10.21 -8.83
CA GLU A 36 -10.49 9.65 -10.12
C GLU A 36 -11.69 9.17 -10.93
N ARG A 37 -12.81 9.87 -10.78
CA ARG A 37 -14.03 9.52 -11.51
C ARG A 37 -14.99 10.69 -11.54
ZN ZN B . -3.84 1.12 -5.20
N MET A 1 -1.41 -18.73 11.54
CA MET A 1 -0.51 -17.85 12.33
C MET A 1 -0.49 -16.44 11.77
N ASP A 2 -0.37 -15.45 12.65
CA ASP A 2 -0.33 -14.05 12.23
C ASP A 2 1.11 -13.59 12.00
N PRO A 3 1.28 -12.46 11.29
CA PRO A 3 2.61 -11.92 11.00
C PRO A 3 3.29 -11.35 12.25
N GLY A 4 4.60 -11.15 12.16
CA GLY A 4 5.35 -10.62 13.30
C GLY A 4 6.16 -9.40 12.92
N LYS A 5 7.24 -9.62 12.17
CA LYS A 5 8.11 -8.52 11.75
C LYS A 5 8.42 -8.63 10.26
N LYS A 6 7.92 -7.66 9.49
CA LYS A 6 8.15 -7.64 8.05
C LYS A 6 8.21 -6.20 7.53
N LYS A 7 8.91 -6.01 6.41
CA LYS A 7 9.05 -4.68 5.82
C LYS A 7 8.48 -4.66 4.40
N GLN A 8 7.29 -4.09 4.25
CA GLN A 8 6.64 -4.00 2.95
C GLN A 8 5.38 -3.13 3.03
N HIS A 9 5.27 -2.19 2.10
CA HIS A 9 4.11 -1.30 2.07
C HIS A 9 3.06 -1.80 1.08
N ILE A 10 1.99 -2.36 1.61
CA ILE A 10 0.91 -2.89 0.78
C ILE A 10 -0.29 -1.94 0.78
N CYS A 11 -0.99 -1.87 -0.36
CA CYS A 11 -2.14 -1.00 -0.48
C CYS A 11 -3.25 -1.41 0.49
N HIS A 12 -3.32 -0.71 1.62
CA HIS A 12 -4.33 -1.00 2.64
C HIS A 12 -5.73 -0.93 2.04
N ILE A 13 -5.89 -0.09 1.02
CA ILE A 13 -7.18 0.08 0.37
C ILE A 13 -7.53 -1.14 -0.48
N GLN A 14 -8.83 -1.40 -0.63
CA GLN A 14 -9.30 -2.53 -1.42
C GLN A 14 -9.30 -2.20 -2.90
N GLY A 15 -8.14 -1.85 -3.43
CA GLY A 15 -8.03 -1.51 -4.84
C GLY A 15 -7.06 -2.40 -5.60
N CYS A 16 -5.77 -2.11 -5.46
CA CYS A 16 -4.75 -2.91 -6.13
C CYS A 16 -3.86 -3.62 -5.13
N GLY A 17 -2.72 -4.12 -5.59
CA GLY A 17 -1.80 -4.82 -4.71
C GLY A 17 -0.40 -4.87 -5.28
N LYS A 18 0.20 -3.70 -5.49
CA LYS A 18 1.56 -3.61 -6.03
C LYS A 18 2.59 -3.91 -4.95
N VAL A 19 2.30 -3.49 -3.72
CA VAL A 19 3.21 -3.71 -2.60
C VAL A 19 4.60 -3.19 -2.92
N TYR A 20 4.83 -1.91 -2.65
CA TYR A 20 6.12 -1.29 -2.90
C TYR A 20 6.95 -1.21 -1.62
N GLY A 21 8.27 -1.17 -1.77
CA GLY A 21 9.15 -1.10 -0.61
C GLY A 21 9.58 0.32 -0.31
N LYS A 22 8.74 1.28 -0.66
CA LYS A 22 9.04 2.69 -0.42
C LYS A 22 7.77 3.48 -0.11
N THR A 23 7.79 4.21 1.00
CA THR A 23 6.64 5.00 1.41
C THR A 23 6.44 6.20 0.48
N SER A 24 7.55 6.72 -0.04
CA SER A 24 7.49 7.86 -0.95
C SER A 24 6.65 7.54 -2.18
N HIS A 25 6.68 6.29 -2.60
CA HIS A 25 5.92 5.85 -3.76
C HIS A 25 4.45 5.71 -3.41
N LEU A 26 4.16 5.39 -2.15
CA LEU A 26 2.80 5.22 -1.68
C LEU A 26 2.01 6.52 -1.85
N ARG A 27 2.68 7.64 -1.63
CA ARG A 27 2.04 8.95 -1.76
C ARG A 27 1.56 9.18 -3.18
N ALA A 28 2.42 8.90 -4.15
CA ALA A 28 2.07 9.08 -5.56
C ALA A 28 0.95 8.15 -5.97
N HIS A 29 0.97 6.93 -5.42
CA HIS A 29 -0.05 5.94 -5.74
C HIS A 29 -1.38 6.29 -5.06
N LEU A 30 -1.30 6.76 -3.82
CA LEU A 30 -2.50 7.13 -3.08
C LEU A 30 -3.28 8.22 -3.79
N ARG A 31 -2.57 9.25 -4.25
CA ARG A 31 -3.21 10.36 -4.94
C ARG A 31 -3.94 9.88 -6.19
N TRP A 32 -3.43 8.80 -6.79
CA TRP A 32 -4.04 8.24 -7.99
C TRP A 32 -5.39 7.60 -7.68
N HIS A 33 -5.49 7.01 -6.50
CA HIS A 33 -6.73 6.36 -6.07
C HIS A 33 -7.83 7.40 -5.83
N THR A 34 -7.45 8.52 -5.23
CA THR A 34 -8.39 9.60 -4.94
C THR A 34 -9.56 9.08 -4.10
N GLY A 35 -9.27 8.15 -3.19
CA GLY A 35 -10.29 7.60 -2.34
C GLY A 35 -11.22 6.66 -3.09
N GLU A 36 -11.08 5.36 -2.83
CA GLU A 36 -11.92 4.37 -3.48
C GLU A 36 -12.98 3.85 -2.53
N ARG A 37 -13.97 3.14 -3.09
CA ARG A 37 -15.06 2.59 -2.29
C ARG A 37 -15.83 3.69 -1.57
ZN ZN B . -3.70 0.67 -4.80
N MET A 1 17.31 -17.39 12.72
CA MET A 1 16.82 -18.23 13.84
C MET A 1 15.86 -17.46 14.74
N ASP A 2 16.04 -16.14 14.80
CA ASP A 2 15.19 -15.28 15.61
C ASP A 2 13.80 -15.16 15.00
N PRO A 3 12.75 -15.12 15.84
CA PRO A 3 11.37 -15.00 15.37
C PRO A 3 11.08 -13.62 14.79
N GLY A 4 9.82 -13.40 14.38
CA GLY A 4 9.44 -12.12 13.83
C GLY A 4 8.86 -12.25 12.43
N LYS A 5 7.88 -11.41 12.10
CA LYS A 5 7.25 -11.44 10.80
C LYS A 5 7.15 -10.03 10.21
N LYS A 6 7.50 -9.90 8.93
CA LYS A 6 7.45 -8.61 8.25
C LYS A 6 6.02 -8.28 7.83
N LYS A 7 5.78 -7.00 7.53
CA LYS A 7 4.45 -6.56 7.11
C LYS A 7 4.52 -5.84 5.76
N GLN A 8 3.37 -5.74 5.10
CA GLN A 8 3.31 -5.10 3.79
C GLN A 8 2.10 -4.16 3.71
N HIS A 9 2.08 -3.32 2.68
CA HIS A 9 0.98 -2.38 2.49
C HIS A 9 0.24 -2.68 1.19
N ILE A 10 -0.98 -3.21 1.32
CA ILE A 10 -1.80 -3.55 0.16
C ILE A 10 -3.02 -2.63 0.07
N CYS A 11 -3.37 -2.23 -1.14
CA CYS A 11 -4.52 -1.35 -1.37
C CYS A 11 -5.77 -1.93 -0.70
N HIS A 12 -6.37 -1.14 0.19
CA HIS A 12 -7.57 -1.56 0.89
C HIS A 12 -8.83 -1.02 0.21
N ILE A 13 -8.79 -0.97 -1.12
CA ILE A 13 -9.93 -0.47 -1.89
C ILE A 13 -10.34 -1.48 -2.96
N GLN A 14 -11.61 -1.44 -3.35
CA GLN A 14 -12.13 -2.34 -4.36
C GLN A 14 -11.65 -1.93 -5.75
N GLY A 15 -10.44 -2.36 -6.11
CA GLY A 15 -9.90 -2.02 -7.41
C GLY A 15 -8.44 -2.38 -7.54
N CYS A 16 -7.66 -2.09 -6.51
CA CYS A 16 -6.23 -2.39 -6.52
C CYS A 16 -5.92 -3.62 -5.68
N GLY A 17 -4.66 -4.06 -5.73
CA GLY A 17 -4.25 -5.23 -4.97
C GLY A 17 -2.76 -5.47 -5.05
N LYS A 18 -2.00 -4.39 -5.12
CA LYS A 18 -0.54 -4.48 -5.20
C LYS A 18 0.08 -4.56 -3.81
N VAL A 19 1.40 -4.48 -3.74
CA VAL A 19 2.11 -4.55 -2.47
C VAL A 19 2.99 -3.31 -2.27
N TYR A 20 3.33 -3.03 -1.01
CA TYR A 20 4.17 -1.89 -0.69
C TYR A 20 4.84 -2.07 0.67
N GLY A 21 5.97 -1.42 0.87
CA GLY A 21 6.69 -1.52 2.12
C GLY A 21 7.00 -0.18 2.74
N LYS A 22 6.27 0.85 2.32
CA LYS A 22 6.47 2.20 2.85
C LYS A 22 5.17 2.99 2.84
N THR A 23 4.87 3.62 3.98
CA THR A 23 3.65 4.41 4.10
C THR A 23 3.72 5.67 3.24
N SER A 24 4.90 6.27 3.17
CA SER A 24 5.10 7.47 2.38
C SER A 24 4.67 7.24 0.93
N HIS A 25 4.83 6.00 0.47
CA HIS A 25 4.46 5.63 -0.89
C HIS A 25 2.93 5.55 -1.00
N LEU A 26 2.28 5.24 0.12
CA LEU A 26 0.83 5.14 0.16
C LEU A 26 0.19 6.51 -0.05
N ARG A 27 0.81 7.53 0.50
CA ARG A 27 0.31 8.90 0.38
C ARG A 27 0.34 9.36 -1.07
N ALA A 28 1.37 8.96 -1.79
CA ALA A 28 1.52 9.31 -3.19
C ALA A 28 0.60 8.48 -4.07
N HIS A 29 0.44 7.21 -3.70
CA HIS A 29 -0.42 6.31 -4.44
C HIS A 29 -1.89 6.57 -4.14
N LEU A 30 -2.16 7.06 -2.92
CA LEU A 30 -3.52 7.35 -2.50
C LEU A 30 -4.10 8.51 -3.29
N ARG A 31 -3.26 9.50 -3.60
CA ARG A 31 -3.69 10.66 -4.35
C ARG A 31 -4.23 10.27 -5.72
N TRP A 32 -3.71 9.16 -6.26
CA TRP A 32 -4.14 8.67 -7.56
C TRP A 32 -5.57 8.14 -7.49
N HIS A 33 -5.86 7.33 -6.48
CA HIS A 33 -7.18 6.75 -6.30
C HIS A 33 -8.23 7.84 -6.15
N THR A 34 -7.90 8.87 -5.36
CA THR A 34 -8.83 9.98 -5.14
C THR A 34 -8.88 10.89 -6.35
N GLY A 35 -7.76 11.02 -7.05
CA GLY A 35 -7.70 11.87 -8.22
C GLY A 35 -7.69 11.07 -9.51
N GLU A 36 -8.87 10.80 -10.05
CA GLU A 36 -9.00 10.04 -11.30
C GLU A 36 -9.53 10.92 -12.41
N ARG A 37 -9.58 10.36 -13.62
CA ARG A 37 -10.08 11.10 -14.78
C ARG A 37 -11.53 10.73 -15.09
ZN ZN B . -4.07 1.09 -5.47
N MET A 1 9.73 -20.52 13.80
CA MET A 1 8.65 -20.50 14.82
C MET A 1 8.09 -19.10 15.01
N ASP A 2 8.97 -18.15 15.31
CA ASP A 2 8.57 -16.76 15.52
C ASP A 2 8.56 -16.00 14.20
N PRO A 3 7.39 -15.47 13.78
CA PRO A 3 7.28 -14.71 12.53
C PRO A 3 8.29 -13.59 12.44
N GLY A 4 8.70 -13.07 13.60
CA GLY A 4 9.67 -11.98 13.63
C GLY A 4 9.06 -10.64 13.27
N LYS A 5 9.58 -10.01 12.23
CA LYS A 5 9.08 -8.71 11.79
C LYS A 5 8.25 -8.85 10.53
N LYS A 6 7.09 -8.19 10.51
CA LYS A 6 6.20 -8.24 9.36
C LYS A 6 5.78 -6.83 8.94
N LYS A 7 6.11 -6.47 7.70
CA LYS A 7 5.76 -5.15 7.18
C LYS A 7 5.47 -5.22 5.69
N GLN A 8 4.27 -4.80 5.30
CA GLN A 8 3.87 -4.81 3.89
C GLN A 8 2.82 -3.74 3.62
N HIS A 9 2.98 -3.04 2.51
CA HIS A 9 2.04 -1.99 2.13
C HIS A 9 1.09 -2.47 1.04
N ILE A 10 -0.15 -2.76 1.43
CA ILE A 10 -1.16 -3.23 0.49
C ILE A 10 -2.26 -2.20 0.31
N CYS A 11 -2.65 -1.96 -0.94
CA CYS A 11 -3.69 -0.99 -1.24
C CYS A 11 -5.02 -1.42 -0.65
N HIS A 12 -5.32 -0.95 0.56
CA HIS A 12 -6.57 -1.28 1.22
C HIS A 12 -7.77 -0.89 0.36
N ILE A 13 -7.57 0.10 -0.51
CA ILE A 13 -8.62 0.57 -1.39
C ILE A 13 -8.98 -0.49 -2.43
N GLN A 14 -10.16 -0.35 -3.03
CA GLN A 14 -10.64 -1.30 -4.03
C GLN A 14 -9.82 -1.19 -5.32
N GLY A 15 -8.98 -0.16 -5.42
CA GLY A 15 -8.17 0.03 -6.62
C GLY A 15 -7.36 -1.19 -6.97
N CYS A 16 -6.07 -1.18 -6.64
CA CYS A 16 -5.19 -2.29 -6.93
C CYS A 16 -4.77 -3.00 -5.64
N GLY A 17 -3.78 -3.88 -5.76
CA GLY A 17 -3.30 -4.62 -4.61
C GLY A 17 -1.81 -4.90 -4.67
N LYS A 18 -1.08 -4.01 -5.33
CA LYS A 18 0.37 -4.17 -5.46
C LYS A 18 1.05 -4.18 -4.09
N VAL A 19 2.37 -4.13 -4.09
CA VAL A 19 3.14 -4.15 -2.84
C VAL A 19 4.08 -2.95 -2.77
N TYR A 20 4.47 -2.59 -1.55
CA TYR A 20 5.37 -1.46 -1.34
C TYR A 20 6.06 -1.56 0.02
N GLY A 21 7.22 -0.94 0.12
CA GLY A 21 7.97 -0.97 1.37
C GLY A 21 8.26 0.41 1.92
N LYS A 22 7.52 1.42 1.43
CA LYS A 22 7.71 2.79 1.88
C LYS A 22 6.40 3.57 1.82
N THR A 23 6.11 4.30 2.89
CA THR A 23 4.88 5.08 2.96
C THR A 23 4.93 6.24 1.97
N SER A 24 6.13 6.79 1.75
CA SER A 24 6.30 7.90 0.82
C SER A 24 5.77 7.53 -0.56
N HIS A 25 5.88 6.25 -0.90
CA HIS A 25 5.39 5.76 -2.18
C HIS A 25 3.87 5.71 -2.20
N LEU A 26 3.28 5.53 -1.02
CA LEU A 26 1.83 5.46 -0.90
C LEU A 26 1.20 6.81 -1.24
N ARG A 27 1.87 7.89 -0.85
CA ARG A 27 1.38 9.23 -1.11
C ARG A 27 1.33 9.51 -2.61
N ALA A 28 2.31 8.99 -3.34
CA ALA A 28 2.38 9.16 -4.78
C ALA A 28 1.36 8.28 -5.49
N HIS A 29 1.28 7.03 -5.05
CA HIS A 29 0.34 6.08 -5.64
C HIS A 29 -1.09 6.44 -5.26
N LEU A 30 -1.26 7.07 -4.10
CA LEU A 30 -2.58 7.46 -3.63
C LEU A 30 -3.16 8.57 -4.51
N ARG A 31 -2.35 9.58 -4.80
CA ARG A 31 -2.79 10.70 -5.62
C ARG A 31 -3.23 10.22 -7.00
N TRP A 32 -2.62 9.13 -7.46
CA TRP A 32 -2.95 8.58 -8.77
C TRP A 32 -4.36 7.99 -8.77
N HIS A 33 -4.77 7.44 -7.63
CA HIS A 33 -6.09 6.85 -7.49
C HIS A 33 -7.18 7.92 -7.49
N THR A 34 -6.85 9.08 -6.93
CA THR A 34 -7.79 10.19 -6.87
C THR A 34 -9.08 9.77 -6.17
N GLY A 35 -10.03 10.70 -6.08
CA GLY A 35 -11.29 10.41 -5.44
C GLY A 35 -12.19 9.53 -6.29
N GLU A 36 -12.24 8.24 -5.97
CA GLU A 36 -13.05 7.30 -6.72
C GLU A 36 -13.67 6.26 -5.79
N ARG A 37 -14.40 5.31 -6.36
CA ARG A 37 -15.04 4.25 -5.58
C ARG A 37 -14.33 2.93 -5.77
ZN ZN B . -3.67 1.02 -5.63
N MET A 1 15.07 -8.38 9.55
CA MET A 1 15.34 -8.50 11.00
C MET A 1 14.06 -8.78 11.78
N ASP A 2 14.20 -8.97 13.10
CA ASP A 2 13.05 -9.24 13.95
C ASP A 2 12.33 -10.52 13.52
N PRO A 3 12.61 -11.65 14.21
CA PRO A 3 11.99 -12.93 13.88
C PRO A 3 10.49 -12.95 14.19
N GLY A 4 9.77 -13.88 13.56
CA GLY A 4 8.34 -13.98 13.78
C GLY A 4 7.55 -13.82 12.50
N LYS A 5 6.27 -13.50 12.62
CA LYS A 5 5.41 -13.32 11.47
C LYS A 5 5.59 -11.93 10.86
N LYS A 6 5.59 -11.87 9.53
CA LYS A 6 5.76 -10.59 8.83
C LYS A 6 4.50 -10.24 8.04
N LYS A 7 4.32 -8.96 7.76
CA LYS A 7 3.16 -8.48 7.01
C LYS A 7 3.59 -7.55 5.88
N GLN A 8 2.62 -7.10 5.09
CA GLN A 8 2.89 -6.20 3.98
C GLN A 8 1.71 -5.26 3.73
N HIS A 9 2.00 -4.09 3.19
CA HIS A 9 0.96 -3.11 2.90
C HIS A 9 0.30 -3.38 1.56
N ILE A 10 -0.99 -3.67 1.59
CA ILE A 10 -1.74 -3.95 0.37
C ILE A 10 -2.91 -2.99 0.21
N CYS A 11 -3.22 -2.65 -1.04
CA CYS A 11 -4.32 -1.73 -1.32
C CYS A 11 -5.64 -2.28 -0.81
N HIS A 12 -6.29 -1.53 0.08
CA HIS A 12 -7.57 -1.95 0.63
C HIS A 12 -8.72 -1.29 -0.12
N ILE A 13 -8.50 -1.01 -1.41
CA ILE A 13 -9.51 -0.39 -2.25
C ILE A 13 -9.68 -1.16 -3.56
N GLN A 14 -10.88 -1.10 -4.11
CA GLN A 14 -11.17 -1.78 -5.37
C GLN A 14 -10.46 -1.11 -6.54
N GLY A 15 -9.13 -1.17 -6.53
CA GLY A 15 -8.35 -0.55 -7.58
C GLY A 15 -7.30 -1.49 -8.14
N CYS A 16 -6.15 -1.57 -7.47
CA CYS A 16 -5.06 -2.42 -7.90
C CYS A 16 -4.74 -3.48 -6.85
N GLY A 17 -3.58 -4.11 -6.99
CA GLY A 17 -3.17 -5.13 -6.04
C GLY A 17 -1.66 -5.24 -5.94
N LYS A 18 -1.00 -4.11 -5.80
CA LYS A 18 0.46 -4.08 -5.69
C LYS A 18 0.90 -4.40 -4.26
N VAL A 19 2.20 -4.26 -4.00
CA VAL A 19 2.75 -4.53 -2.68
C VAL A 19 4.04 -3.75 -2.46
N TYR A 20 4.15 -3.11 -1.29
CA TYR A 20 5.33 -2.33 -0.94
C TYR A 20 5.63 -2.44 0.55
N GLY A 21 6.91 -2.38 0.90
CA GLY A 21 7.31 -2.46 2.29
C GLY A 21 7.61 -1.11 2.89
N LYS A 22 6.92 -0.08 2.41
CA LYS A 22 7.12 1.27 2.91
C LYS A 22 5.82 2.08 2.83
N THR A 23 5.38 2.61 3.96
CA THR A 23 4.16 3.40 4.01
C THR A 23 4.26 4.61 3.09
N SER A 24 5.48 5.11 2.90
CA SER A 24 5.71 6.26 2.04
C SER A 24 5.17 6.00 0.64
N HIS A 25 5.23 4.75 0.21
CA HIS A 25 4.73 4.37 -1.11
C HIS A 25 3.21 4.32 -1.10
N LEU A 26 2.65 3.98 0.05
CA LEU A 26 1.20 3.89 0.20
C LEU A 26 0.59 5.29 0.17
N ARG A 27 1.29 6.25 0.74
CA ARG A 27 0.81 7.63 0.78
C ARG A 27 0.82 8.24 -0.62
N ALA A 28 1.85 7.93 -1.39
CA ALA A 28 1.97 8.43 -2.75
C ALA A 28 0.99 7.75 -3.68
N HIS A 29 0.85 6.44 -3.53
CA HIS A 29 -0.05 5.66 -4.36
C HIS A 29 -1.50 5.90 -3.96
N LEU A 30 -1.72 6.14 -2.67
CA LEU A 30 -3.07 6.38 -2.17
C LEU A 30 -3.65 7.68 -2.73
N ARG A 31 -2.84 8.73 -2.72
CA ARG A 31 -3.27 10.03 -3.22
C ARG A 31 -3.67 9.92 -4.70
N TRP A 32 -3.04 8.99 -5.41
CA TRP A 32 -3.33 8.79 -6.83
C TRP A 32 -4.74 8.25 -7.02
N HIS A 33 -5.14 7.33 -6.14
CA HIS A 33 -6.46 6.73 -6.22
C HIS A 33 -7.55 7.78 -5.99
N THR A 34 -7.35 8.61 -4.97
CA THR A 34 -8.32 9.65 -4.64
C THR A 34 -8.16 10.85 -5.58
N GLY A 35 -9.29 11.40 -6.01
CA GLY A 35 -9.25 12.54 -6.91
C GLY A 35 -9.15 12.14 -8.37
N GLU A 36 -10.08 11.30 -8.81
CA GLU A 36 -10.09 10.84 -10.19
C GLU A 36 -11.33 11.35 -10.93
N ARG A 37 -12.46 11.40 -10.23
CA ARG A 37 -13.71 11.88 -10.81
C ARG A 37 -14.12 11.01 -11.99
ZN ZN B . -4.01 0.69 -5.56
N MET A 1 14.48 -18.09 14.99
CA MET A 1 14.30 -18.77 13.68
C MET A 1 13.22 -18.07 12.84
N ASP A 2 12.06 -17.87 13.43
CA ASP A 2 10.95 -17.22 12.74
C ASP A 2 11.02 -15.70 12.93
N PRO A 3 10.96 -14.94 11.82
CA PRO A 3 11.02 -13.47 11.87
C PRO A 3 9.97 -12.89 12.80
N GLY A 4 8.70 -13.13 12.48
CA GLY A 4 7.61 -12.61 13.31
C GLY A 4 6.44 -12.15 12.48
N LYS A 5 6.60 -11.03 11.79
CA LYS A 5 5.53 -10.48 10.96
C LYS A 5 6.12 -9.78 9.73
N LYS A 6 5.46 -9.96 8.59
CA LYS A 6 5.91 -9.35 7.35
C LYS A 6 5.40 -7.91 7.23
N LYS A 7 6.34 -6.97 7.16
CA LYS A 7 5.99 -5.55 7.05
C LYS A 7 5.65 -5.19 5.60
N GLN A 8 4.38 -4.96 5.34
CA GLN A 8 3.92 -4.60 4.00
C GLN A 8 2.73 -3.66 4.06
N HIS A 9 2.55 -2.87 3.00
CA HIS A 9 1.45 -1.92 2.94
C HIS A 9 0.45 -2.31 1.86
N ILE A 10 -0.69 -2.86 2.28
CA ILE A 10 -1.73 -3.28 1.34
C ILE A 10 -2.73 -2.16 1.08
N CYS A 11 -3.33 -2.18 -0.10
CA CYS A 11 -4.32 -1.16 -0.47
C CYS A 11 -5.61 -1.35 0.32
N HIS A 12 -5.96 -0.33 1.12
CA HIS A 12 -7.17 -0.38 1.93
C HIS A 12 -8.40 -0.60 1.06
N ILE A 13 -8.33 -0.14 -0.18
CA ILE A 13 -9.45 -0.28 -1.12
C ILE A 13 -9.40 -1.62 -1.83
N GLN A 14 -10.48 -2.38 -1.73
CA GLN A 14 -10.56 -3.69 -2.37
C GLN A 14 -10.42 -3.57 -3.88
N GLY A 15 -9.27 -4.00 -4.40
CA GLY A 15 -9.03 -3.94 -5.83
C GLY A 15 -7.55 -3.89 -6.16
N CYS A 16 -6.85 -2.88 -5.65
CA CYS A 16 -5.43 -2.72 -5.89
C CYS A 16 -4.64 -3.87 -5.27
N GLY A 17 -3.33 -3.71 -5.20
CA GLY A 17 -2.49 -4.74 -4.63
C GLY A 17 -1.03 -4.59 -5.02
N LYS A 18 -0.44 -3.44 -4.70
CA LYS A 18 0.94 -3.17 -5.02
C LYS A 18 1.87 -3.66 -3.92
N VAL A 19 1.41 -3.57 -2.68
CA VAL A 19 2.19 -4.00 -1.53
C VAL A 19 3.56 -3.34 -1.51
N TYR A 20 3.63 -2.12 -0.99
CA TYR A 20 4.88 -1.38 -0.91
C TYR A 20 5.45 -1.42 0.50
N GLY A 21 6.76 -1.26 0.61
CA GLY A 21 7.40 -1.29 1.91
C GLY A 21 7.51 0.10 2.53
N LYS A 22 7.47 1.13 1.69
CA LYS A 22 7.57 2.50 2.17
C LYS A 22 6.19 3.18 2.18
N THR A 23 5.82 3.73 3.33
CA THR A 23 4.54 4.41 3.47
C THR A 23 4.51 5.72 2.70
N SER A 24 5.69 6.32 2.53
CA SER A 24 5.81 7.58 1.80
C SER A 24 5.22 7.46 0.41
N HIS A 25 5.29 6.27 -0.17
CA HIS A 25 4.75 6.02 -1.50
C HIS A 25 3.23 5.92 -1.45
N LEU A 26 2.71 5.48 -0.32
CA LEU A 26 1.27 5.34 -0.15
C LEU A 26 0.57 6.69 -0.26
N ARG A 27 1.25 7.74 0.20
CA ARG A 27 0.69 9.09 0.15
C ARG A 27 0.45 9.52 -1.30
N ALA A 28 1.40 9.22 -2.17
CA ALA A 28 1.29 9.59 -3.58
C ALA A 28 0.33 8.65 -4.30
N HIS A 29 0.29 7.40 -3.86
CA HIS A 29 -0.58 6.41 -4.48
C HIS A 29 -2.04 6.65 -4.08
N LEU A 30 -2.25 7.16 -2.87
CA LEU A 30 -3.59 7.43 -2.37
C LEU A 30 -4.28 8.51 -3.21
N ARG A 31 -3.52 9.51 -3.63
CA ARG A 31 -4.07 10.60 -4.44
C ARG A 31 -4.66 10.06 -5.74
N TRP A 32 -4.11 8.96 -6.23
CA TRP A 32 -4.59 8.35 -7.47
C TRP A 32 -5.99 7.77 -7.28
N HIS A 33 -6.17 7.02 -6.19
CA HIS A 33 -7.46 6.41 -5.91
C HIS A 33 -8.56 7.47 -5.77
N THR A 34 -8.25 8.54 -5.05
CA THR A 34 -9.21 9.62 -4.85
C THR A 34 -9.18 10.59 -6.03
N GLY A 35 -10.02 10.32 -7.03
CA GLY A 35 -10.07 11.18 -8.20
C GLY A 35 -10.09 10.39 -9.49
N GLU A 36 -8.92 10.04 -9.98
CA GLU A 36 -8.81 9.27 -11.23
C GLU A 36 -9.42 10.04 -12.39
N ARG A 37 -9.11 9.61 -13.61
CA ARG A 37 -9.63 10.25 -14.81
C ARG A 37 -10.04 9.22 -15.85
ZN ZN B . -4.10 0.97 -4.65
N MET A 1 8.14 -8.96 17.82
CA MET A 1 9.24 -9.57 17.02
C MET A 1 9.15 -9.16 15.55
N ASP A 2 9.90 -8.12 15.19
CA ASP A 2 9.90 -7.63 13.82
C ASP A 2 10.90 -8.41 12.96
N PRO A 3 12.16 -8.50 13.41
CA PRO A 3 13.21 -9.23 12.68
C PRO A 3 12.78 -10.65 12.30
N GLY A 4 12.53 -10.86 11.02
CA GLY A 4 12.11 -12.18 10.56
C GLY A 4 11.14 -12.10 9.40
N LYS A 5 9.86 -12.22 9.69
CA LYS A 5 8.83 -12.16 8.65
C LYS A 5 8.15 -10.79 8.63
N LYS A 6 8.33 -10.08 7.54
CA LYS A 6 7.73 -8.75 7.39
C LYS A 6 6.32 -8.85 6.80
N LYS A 7 5.53 -7.79 6.98
CA LYS A 7 4.17 -7.76 6.45
C LYS A 7 4.14 -7.13 5.07
N GLN A 8 2.97 -7.18 4.43
CA GLN A 8 2.81 -6.62 3.08
C GLN A 8 1.63 -5.65 3.05
N HIS A 9 1.80 -4.55 2.35
CA HIS A 9 0.77 -3.53 2.22
C HIS A 9 0.11 -3.59 0.84
N ILE A 10 -1.19 -3.83 0.82
CA ILE A 10 -1.94 -3.90 -0.42
C ILE A 10 -3.11 -2.92 -0.43
N CYS A 11 -3.54 -2.52 -1.62
CA CYS A 11 -4.66 -1.59 -1.75
C CYS A 11 -5.92 -2.15 -1.10
N HIS A 12 -6.48 -1.39 -0.16
CA HIS A 12 -7.69 -1.81 0.53
C HIS A 12 -8.87 -1.93 -0.42
N ILE A 13 -8.86 -1.11 -1.47
CA ILE A 13 -9.93 -1.12 -2.45
C ILE A 13 -9.75 -2.27 -3.45
N GLN A 14 -10.86 -2.70 -4.04
CA GLN A 14 -10.83 -3.79 -5.01
C GLN A 14 -10.27 -3.33 -6.35
N GLY A 15 -10.31 -2.03 -6.59
CA GLY A 15 -9.80 -1.48 -7.83
C GLY A 15 -8.40 -1.97 -8.17
N CYS A 16 -7.46 -1.74 -7.26
CA CYS A 16 -6.08 -2.15 -7.47
C CYS A 16 -5.84 -3.56 -6.93
N GLY A 17 -4.60 -4.02 -7.00
CA GLY A 17 -4.26 -5.34 -6.50
C GLY A 17 -2.77 -5.60 -6.55
N LYS A 18 -1.98 -4.58 -6.24
CA LYS A 18 -0.53 -4.70 -6.25
C LYS A 18 -0.01 -5.08 -4.87
N VAL A 19 1.31 -5.05 -4.71
CA VAL A 19 1.94 -5.39 -3.44
C VAL A 19 3.13 -4.49 -3.14
N TYR A 20 3.25 -4.05 -1.90
CA TYR A 20 4.33 -3.17 -1.49
C TYR A 20 4.57 -3.27 0.02
N GLY A 21 5.81 -3.57 0.39
CA GLY A 21 6.14 -3.69 1.81
C GLY A 21 6.74 -2.41 2.36
N LYS A 22 6.12 -1.28 2.05
CA LYS A 22 6.59 0.01 2.54
C LYS A 22 5.43 0.99 2.73
N THR A 23 5.28 1.48 3.95
CA THR A 23 4.21 2.43 4.27
C THR A 23 4.38 3.72 3.48
N SER A 24 5.62 4.21 3.41
CA SER A 24 5.92 5.44 2.69
C SER A 24 5.42 5.34 1.25
N HIS A 25 5.43 4.14 0.71
CA HIS A 25 4.96 3.91 -0.65
C HIS A 25 3.44 3.94 -0.70
N LEU A 26 2.82 3.57 0.42
CA LEU A 26 1.36 3.55 0.51
C LEU A 26 0.82 4.98 0.54
N ARG A 27 1.55 5.87 1.22
CA ARG A 27 1.15 7.26 1.32
C ARG A 27 1.19 7.94 -0.04
N ALA A 28 2.18 7.57 -0.84
CA ALA A 28 2.34 8.13 -2.17
C ALA A 28 1.32 7.53 -3.13
N HIS A 29 0.99 6.27 -2.92
CA HIS A 29 0.02 5.58 -3.75
C HIS A 29 -1.41 5.98 -3.38
N LEU A 30 -1.61 6.30 -2.11
CA LEU A 30 -2.92 6.69 -1.62
C LEU A 30 -3.36 8.02 -2.23
N ARG A 31 -2.41 8.94 -2.36
CA ARG A 31 -2.70 10.25 -2.93
C ARG A 31 -3.25 10.12 -4.36
N TRP A 32 -2.84 9.07 -5.05
CA TRP A 32 -3.29 8.82 -6.42
C TRP A 32 -4.76 8.42 -6.42
N HIS A 33 -5.18 7.69 -5.40
CA HIS A 33 -6.56 7.24 -5.29
C HIS A 33 -7.48 8.40 -4.91
N THR A 34 -7.02 9.23 -3.97
CA THR A 34 -7.81 10.37 -3.52
C THR A 34 -7.54 11.59 -4.40
N GLY A 35 -8.47 11.90 -5.29
CA GLY A 35 -8.33 13.04 -6.16
C GLY A 35 -7.78 12.65 -7.53
N GLU A 36 -8.65 12.13 -8.38
CA GLU A 36 -8.25 11.72 -9.72
C GLU A 36 -9.43 11.73 -10.67
N ARG A 37 -10.55 11.16 -10.22
CA ARG A 37 -11.76 11.10 -11.03
C ARG A 37 -12.93 10.54 -10.23
ZN ZN B . -4.28 1.12 -5.48
N MET A 1 16.91 -8.79 10.75
CA MET A 1 17.50 -7.42 10.79
C MET A 1 16.40 -6.36 10.92
N ASP A 2 15.51 -6.32 9.93
CA ASP A 2 14.42 -5.35 9.94
C ASP A 2 13.39 -5.70 11.02
N PRO A 3 12.80 -4.67 11.67
CA PRO A 3 11.81 -4.89 12.72
C PRO A 3 10.46 -5.32 12.17
N GLY A 4 9.78 -6.21 12.90
CA GLY A 4 8.49 -6.69 12.45
C GLY A 4 8.59 -7.92 11.57
N LYS A 5 7.46 -8.32 11.00
CA LYS A 5 7.42 -9.50 10.13
C LYS A 5 6.90 -9.13 8.75
N LYS A 6 7.04 -10.05 7.81
CA LYS A 6 6.58 -9.83 6.44
C LYS A 6 5.10 -10.12 6.31
N LYS A 7 4.35 -9.16 5.77
CA LYS A 7 2.91 -9.32 5.59
C LYS A 7 2.49 -8.89 4.20
N GLN A 8 1.18 -8.78 3.98
CA GLN A 8 0.64 -8.38 2.68
C GLN A 8 -0.39 -7.27 2.85
N HIS A 9 -0.08 -6.11 2.29
CA HIS A 9 -1.00 -4.96 2.37
C HIS A 9 -1.74 -4.77 1.06
N ILE A 10 -2.98 -5.24 1.01
CA ILE A 10 -3.80 -5.11 -0.18
C ILE A 10 -4.42 -3.73 -0.30
N CYS A 11 -4.63 -3.27 -1.53
CA CYS A 11 -5.20 -1.96 -1.77
C CYS A 11 -6.59 -1.85 -1.15
N HIS A 12 -6.95 -0.64 -0.71
CA HIS A 12 -8.25 -0.41 -0.10
C HIS A 12 -9.37 -0.57 -1.11
N ILE A 13 -9.24 0.12 -2.25
CA ILE A 13 -10.25 0.06 -3.29
C ILE A 13 -10.28 -1.32 -3.95
N GLN A 14 -11.43 -1.67 -4.52
CA GLN A 14 -11.58 -2.95 -5.19
C GLN A 14 -11.15 -2.87 -6.65
N GLY A 15 -9.91 -2.46 -6.87
CA GLY A 15 -9.39 -2.34 -8.22
C GLY A 15 -7.91 -2.67 -8.31
N CYS A 16 -7.10 -2.00 -7.48
CA CYS A 16 -5.67 -2.23 -7.47
C CYS A 16 -5.34 -3.65 -7.01
N GLY A 17 -4.08 -3.89 -6.68
CA GLY A 17 -3.66 -5.21 -6.22
C GLY A 17 -2.17 -5.41 -6.34
N LYS A 18 -1.40 -4.43 -5.85
CA LYS A 18 0.06 -4.51 -5.90
C LYS A 18 0.60 -5.28 -4.70
N VAL A 19 -0.03 -5.09 -3.55
CA VAL A 19 0.38 -5.77 -2.32
C VAL A 19 1.85 -5.47 -2.00
N TYR A 20 2.06 -4.53 -1.09
CA TYR A 20 3.41 -4.15 -0.69
C TYR A 20 3.75 -4.73 0.69
N GLY A 21 5.04 -4.91 0.93
CA GLY A 21 5.48 -5.45 2.21
C GLY A 21 5.79 -4.37 3.24
N LYS A 22 5.31 -3.16 2.98
CA LYS A 22 5.54 -2.04 3.90
C LYS A 22 4.37 -1.07 3.87
N THR A 23 3.81 -0.77 5.04
CA THR A 23 2.70 0.17 5.14
C THR A 23 3.13 1.59 4.85
N SER A 24 4.40 1.89 5.13
CA SER A 24 4.94 3.22 4.89
C SER A 24 4.81 3.61 3.43
N HIS A 25 4.88 2.63 2.55
CA HIS A 25 4.76 2.88 1.12
C HIS A 25 3.31 3.13 0.73
N LEU A 26 2.40 2.50 1.46
CA LEU A 26 0.96 2.66 1.20
C LEU A 26 0.56 4.12 1.29
N ARG A 27 1.26 4.88 2.13
CA ARG A 27 0.98 6.30 2.30
C ARG A 27 1.15 7.05 0.98
N ALA A 28 2.26 6.79 0.30
CA ALA A 28 2.54 7.42 -0.98
C ALA A 28 1.62 6.91 -2.07
N HIS A 29 1.24 5.64 -1.96
CA HIS A 29 0.36 5.01 -2.93
C HIS A 29 -1.08 5.49 -2.74
N LEU A 30 -1.48 5.69 -1.48
CA LEU A 30 -2.83 6.13 -1.17
C LEU A 30 -3.12 7.50 -1.79
N ARG A 31 -2.15 8.40 -1.70
CA ARG A 31 -2.31 9.74 -2.25
C ARG A 31 -2.58 9.68 -3.75
N TRP A 32 -2.05 8.64 -4.39
CA TRP A 32 -2.24 8.46 -5.83
C TRP A 32 -3.71 8.20 -6.16
N HIS A 33 -4.35 7.34 -5.37
CA HIS A 33 -5.75 7.00 -5.58
C HIS A 33 -6.63 8.23 -5.41
N THR A 34 -6.40 8.99 -4.35
CA THR A 34 -7.18 10.19 -4.08
C THR A 34 -6.81 11.31 -5.05
N GLY A 35 -7.83 12.01 -5.55
CA GLY A 35 -7.59 13.10 -6.48
C GLY A 35 -7.11 12.61 -7.83
N GLU A 36 -8.04 12.35 -8.73
CA GLU A 36 -7.69 11.87 -10.07
C GLU A 36 -8.36 12.73 -11.13
N ARG A 37 -7.61 13.67 -11.68
CA ARG A 37 -8.12 14.56 -12.72
C ARG A 37 -7.02 14.96 -13.70
ZN ZN B . -3.84 0.77 -5.35
N MET A 1 9.27 -17.45 5.21
CA MET A 1 8.14 -17.23 6.14
C MET A 1 8.45 -17.78 7.53
N ASP A 2 8.32 -16.93 8.54
CA ASP A 2 8.59 -17.33 9.92
C ASP A 2 7.93 -16.38 10.90
N PRO A 3 7.54 -16.87 12.08
CA PRO A 3 6.89 -16.06 13.11
C PRO A 3 7.85 -15.06 13.75
N GLY A 4 7.75 -13.80 13.34
CA GLY A 4 8.62 -12.78 13.88
C GLY A 4 8.24 -11.38 13.41
N LYS A 5 9.24 -10.51 13.30
CA LYS A 5 8.99 -9.14 12.86
C LYS A 5 8.67 -9.09 11.36
N LYS A 6 7.63 -8.35 11.02
CA LYS A 6 7.21 -8.22 9.63
C LYS A 6 6.66 -6.82 9.35
N LYS A 7 6.93 -6.31 8.15
CA LYS A 7 6.47 -4.99 7.76
C LYS A 7 6.09 -4.96 6.29
N GLN A 8 4.80 -4.81 6.01
CA GLN A 8 4.30 -4.76 4.64
C GLN A 8 3.21 -3.71 4.49
N HIS A 9 3.15 -3.09 3.31
CA HIS A 9 2.16 -2.06 3.03
C HIS A 9 1.05 -2.61 2.14
N ILE A 10 -0.10 -2.92 2.76
CA ILE A 10 -1.23 -3.45 2.01
C ILE A 10 -2.16 -2.32 1.55
N CYS A 11 -2.47 -2.31 0.26
CA CYS A 11 -3.34 -1.29 -0.31
C CYS A 11 -4.80 -1.59 0.01
N HIS A 12 -5.37 -0.82 0.93
CA HIS A 12 -6.76 -0.98 1.32
C HIS A 12 -7.66 -0.02 0.54
N ILE A 13 -7.37 0.14 -0.74
CA ILE A 13 -8.13 1.04 -1.60
C ILE A 13 -8.67 0.30 -2.82
N GLN A 14 -10.00 0.35 -3.00
CA GLN A 14 -10.64 -0.30 -4.13
C GLN A 14 -10.42 -1.81 -4.09
N GLY A 15 -9.26 -2.26 -4.55
CA GLY A 15 -8.95 -3.67 -4.56
C GLY A 15 -7.56 -3.97 -5.06
N CYS A 16 -6.60 -3.14 -4.66
CA CYS A 16 -5.21 -3.31 -5.07
C CYS A 16 -4.66 -4.63 -4.55
N GLY A 17 -3.34 -4.79 -4.61
CA GLY A 17 -2.72 -6.01 -4.15
C GLY A 17 -1.21 -5.96 -4.26
N LYS A 18 -0.64 -4.78 -4.06
CA LYS A 18 0.80 -4.60 -4.15
C LYS A 18 1.44 -4.55 -2.76
N VAL A 19 2.72 -4.21 -2.71
CA VAL A 19 3.44 -4.12 -1.45
C VAL A 19 4.36 -2.91 -1.43
N TYR A 20 4.71 -2.45 -0.23
CA TYR A 20 5.59 -1.30 -0.07
C TYR A 20 6.23 -1.29 1.31
N GLY A 21 7.39 -0.65 1.42
CA GLY A 21 8.08 -0.57 2.69
C GLY A 21 8.28 0.85 3.17
N LYS A 22 7.52 1.78 2.60
CA LYS A 22 7.62 3.18 2.98
C LYS A 22 6.27 3.89 2.82
N THR A 23 5.84 4.57 3.88
CA THR A 23 4.58 5.29 3.85
C THR A 23 4.65 6.52 2.95
N SER A 24 5.84 7.09 2.84
CA SER A 24 6.05 8.28 2.01
C SER A 24 5.63 8.00 0.57
N HIS A 25 5.79 6.75 0.14
CA HIS A 25 5.44 6.36 -1.21
C HIS A 25 3.92 6.22 -1.35
N LEU A 26 3.28 5.83 -0.25
CA LEU A 26 1.83 5.66 -0.24
C LEU A 26 1.13 6.98 -0.58
N ARG A 27 1.72 8.09 -0.13
CA ARG A 27 1.16 9.40 -0.39
C ARG A 27 1.04 9.67 -1.89
N ALA A 28 2.05 9.22 -2.64
CA ALA A 28 2.05 9.42 -4.08
C ALA A 28 1.10 8.44 -4.75
N HIS A 29 1.27 7.16 -4.47
CA HIS A 29 0.42 6.13 -5.04
C HIS A 29 -1.03 6.33 -4.64
N LEU A 30 -1.24 6.98 -3.49
CA LEU A 30 -2.59 7.24 -3.00
C LEU A 30 -3.33 8.19 -3.92
N ARG A 31 -2.61 9.12 -4.51
CA ARG A 31 -3.21 10.10 -5.42
C ARG A 31 -3.83 9.40 -6.64
N TRP A 32 -3.22 8.28 -7.03
CA TRP A 32 -3.71 7.52 -8.18
C TRP A 32 -5.08 6.91 -7.89
N HIS A 33 -5.21 6.29 -6.71
CA HIS A 33 -6.46 5.65 -6.32
C HIS A 33 -7.60 6.66 -6.30
N THR A 34 -7.27 7.92 -5.97
CA THR A 34 -8.27 8.97 -5.92
C THR A 34 -8.46 9.60 -7.29
N GLY A 35 -9.61 10.24 -7.49
CA GLY A 35 -9.91 10.88 -8.76
C GLY A 35 -10.29 9.88 -9.84
N GLU A 36 -11.51 9.36 -9.75
CA GLU A 36 -12.00 8.40 -10.73
C GLU A 36 -13.44 8.70 -11.13
N ARG A 37 -14.29 8.91 -10.15
CA ARG A 37 -15.70 9.21 -10.40
C ARG A 37 -16.37 8.08 -11.17
ZN ZN B . -2.90 0.53 -4.49
N MET A 1 6.67 -1.06 14.52
CA MET A 1 7.43 -0.75 13.29
C MET A 1 8.82 -1.38 13.33
N ASP A 2 8.91 -2.59 13.88
CA ASP A 2 10.19 -3.29 13.97
C ASP A 2 10.55 -3.95 12.64
N PRO A 3 11.86 -4.02 12.33
CA PRO A 3 12.33 -4.63 11.08
C PRO A 3 11.78 -6.04 10.88
N GLY A 4 10.96 -6.20 9.83
CA GLY A 4 10.39 -7.50 9.55
C GLY A 4 9.31 -7.43 8.48
N LYS A 5 8.94 -8.58 7.95
CA LYS A 5 7.91 -8.66 6.92
C LYS A 5 6.67 -9.39 7.43
N LYS A 6 5.55 -8.69 7.45
CA LYS A 6 4.30 -9.28 7.92
C LYS A 6 3.21 -9.16 6.85
N LYS A 7 2.90 -10.29 6.21
CA LYS A 7 1.88 -10.32 5.16
C LYS A 7 2.23 -9.35 4.04
N GLN A 8 1.49 -9.45 2.93
CA GLN A 8 1.71 -8.58 1.78
C GLN A 8 0.71 -7.43 1.77
N HIS A 9 1.17 -6.26 1.34
CA HIS A 9 0.31 -5.09 1.28
C HIS A 9 -0.37 -4.98 -0.08
N ILE A 10 -1.70 -5.10 -0.09
CA ILE A 10 -2.47 -5.01 -1.31
C ILE A 10 -3.50 -3.89 -1.23
N CYS A 11 -3.64 -3.14 -2.32
CA CYS A 11 -4.60 -2.03 -2.35
C CYS A 11 -6.02 -2.53 -2.10
N HIS A 12 -6.66 -1.98 -1.07
CA HIS A 12 -8.03 -2.36 -0.73
C HIS A 12 -9.03 -1.42 -1.38
N ILE A 13 -8.67 -0.88 -2.54
CA ILE A 13 -9.53 0.04 -3.27
C ILE A 13 -9.84 -0.49 -4.66
N GLN A 14 -11.10 -0.34 -5.08
CA GLN A 14 -11.52 -0.81 -6.40
C GLN A 14 -10.76 -0.08 -7.51
N GLY A 15 -9.58 -0.57 -7.83
CA GLY A 15 -8.77 0.04 -8.86
C GLY A 15 -7.41 -0.61 -9.01
N CYS A 16 -6.63 -0.60 -7.94
CA CYS A 16 -5.29 -1.19 -7.96
C CYS A 16 -5.38 -2.71 -7.85
N GLY A 17 -4.21 -3.35 -7.76
CA GLY A 17 -4.16 -4.80 -7.65
C GLY A 17 -2.75 -5.33 -7.65
N LYS A 18 -1.85 -4.60 -6.99
CA LYS A 18 -0.45 -5.00 -6.91
C LYS A 18 -0.16 -5.75 -5.62
N VAL A 19 1.12 -5.95 -5.33
CA VAL A 19 1.53 -6.65 -4.12
C VAL A 19 2.84 -6.10 -3.58
N TYR A 20 2.74 -5.16 -2.64
CA TYR A 20 3.92 -4.55 -2.04
C TYR A 20 4.20 -5.14 -0.66
N GLY A 21 5.46 -5.08 -0.24
CA GLY A 21 5.83 -5.61 1.06
C GLY A 21 6.53 -4.58 1.93
N LYS A 22 6.06 -3.34 1.87
CA LYS A 22 6.65 -2.27 2.66
C LYS A 22 5.60 -1.23 3.04
N THR A 23 5.30 -1.14 4.34
CA THR A 23 4.31 -0.19 4.83
C THR A 23 4.78 1.24 4.62
N SER A 24 6.07 1.48 4.85
CA SER A 24 6.65 2.81 4.68
C SER A 24 6.45 3.30 3.25
N HIS A 25 6.48 2.38 2.30
CA HIS A 25 6.31 2.72 0.90
C HIS A 25 4.84 3.01 0.60
N LEU A 26 3.94 2.37 1.34
CA LEU A 26 2.52 2.57 1.16
C LEU A 26 2.16 4.05 1.33
N ARG A 27 2.93 4.74 2.16
CA ARG A 27 2.70 6.16 2.41
C ARG A 27 2.75 6.94 1.11
N ALA A 28 3.77 6.67 0.29
CA ALA A 28 3.94 7.34 -0.98
C ALA A 28 2.92 6.83 -1.99
N HIS A 29 2.57 5.56 -1.88
CA HIS A 29 1.62 4.94 -2.78
C HIS A 29 0.20 5.43 -2.48
N LEU A 30 -0.08 5.68 -1.21
CA LEU A 30 -1.39 6.15 -0.79
C LEU A 30 -1.68 7.56 -1.29
N ARG A 31 -0.67 8.44 -1.17
CA ARG A 31 -0.82 9.83 -1.60
C ARG A 31 -1.16 9.90 -3.09
N TRP A 32 -0.68 8.92 -3.85
CA TRP A 32 -0.92 8.87 -5.29
C TRP A 32 -2.39 8.57 -5.57
N HIS A 33 -3.03 7.82 -4.67
CA HIS A 33 -4.43 7.47 -4.83
C HIS A 33 -5.33 8.66 -4.50
N THR A 34 -4.93 9.43 -3.50
CA THR A 34 -5.69 10.61 -3.06
C THR A 34 -7.11 10.22 -2.68
N GLY A 35 -7.99 10.12 -3.67
CA GLY A 35 -9.37 9.76 -3.40
C GLY A 35 -10.03 9.08 -4.58
N GLU A 36 -9.92 9.68 -5.76
CA GLU A 36 -10.51 9.12 -6.97
C GLU A 36 -12.02 8.98 -6.82
N ARG A 37 -12.76 9.94 -7.37
CA ARG A 37 -14.21 9.92 -7.29
C ARG A 37 -14.82 10.58 -8.52
ZN ZN B . -2.91 1.12 -5.06
N MET A 1 8.88 -12.58 19.56
CA MET A 1 9.92 -11.53 19.56
C MET A 1 10.88 -11.69 18.39
N ASP A 2 11.61 -12.79 18.39
CA ASP A 2 12.57 -13.07 17.32
C ASP A 2 11.85 -13.47 16.03
N PRO A 3 11.07 -14.56 16.06
CA PRO A 3 10.34 -15.04 14.88
C PRO A 3 9.15 -14.15 14.54
N GLY A 4 8.94 -13.91 13.25
CA GLY A 4 7.84 -13.07 12.82
C GLY A 4 7.65 -13.09 11.31
N LYS A 5 6.92 -12.11 10.80
CA LYS A 5 6.67 -12.02 9.36
C LYS A 5 6.59 -10.56 8.92
N LYS A 6 6.81 -10.33 7.63
CA LYS A 6 6.76 -8.98 7.08
C LYS A 6 5.44 -8.73 6.36
N LYS A 7 4.78 -7.63 6.70
CA LYS A 7 3.50 -7.29 6.09
C LYS A 7 3.71 -6.40 4.86
N GLN A 8 3.40 -6.93 3.69
CA GLN A 8 3.55 -6.19 2.45
C GLN A 8 2.51 -5.07 2.35
N HIS A 9 2.92 -3.94 1.79
CA HIS A 9 2.02 -2.80 1.64
C HIS A 9 1.22 -2.90 0.34
N ILE A 10 -0.03 -3.34 0.47
CA ILE A 10 -0.90 -3.49 -0.68
C ILE A 10 -2.07 -2.51 -0.61
N CYS A 11 -2.55 -2.09 -1.76
CA CYS A 11 -3.68 -1.14 -1.84
C CYS A 11 -4.94 -1.76 -1.23
N HIS A 12 -5.27 -1.33 -0.02
CA HIS A 12 -6.46 -1.84 0.66
C HIS A 12 -7.72 -1.58 -0.18
N ILE A 13 -7.70 -0.50 -0.95
CA ILE A 13 -8.82 -0.14 -1.80
C ILE A 13 -9.03 -1.18 -2.89
N GLN A 14 -10.23 -1.20 -3.46
CA GLN A 14 -10.56 -2.15 -4.52
C GLN A 14 -10.30 -1.56 -5.89
N GLY A 15 -9.23 -0.76 -6.00
CA GLY A 15 -8.90 -0.15 -7.27
C GLY A 15 -7.80 -0.91 -8.00
N CYS A 16 -6.60 -0.89 -7.44
CA CYS A 16 -5.47 -1.59 -8.04
C CYS A 16 -5.06 -2.80 -7.19
N GLY A 17 -3.91 -3.38 -7.53
CA GLY A 17 -3.43 -4.53 -6.79
C GLY A 17 -1.92 -4.65 -6.83
N LYS A 18 -1.24 -3.52 -6.70
CA LYS A 18 0.22 -3.50 -6.72
C LYS A 18 0.79 -3.82 -5.34
N VAL A 19 2.10 -3.64 -5.19
CA VAL A 19 2.77 -3.92 -3.92
C VAL A 19 3.74 -2.79 -3.56
N TYR A 20 4.07 -2.69 -2.28
CA TYR A 20 4.98 -1.67 -1.81
C TYR A 20 5.64 -2.08 -0.50
N GLY A 21 6.82 -1.53 -0.22
CA GLY A 21 7.53 -1.84 1.00
C GLY A 21 7.55 -0.69 1.98
N LYS A 22 7.46 0.53 1.47
CA LYS A 22 7.47 1.72 2.32
C LYS A 22 6.16 2.50 2.17
N THR A 23 5.64 2.99 3.29
CA THR A 23 4.40 3.76 3.28
C THR A 23 4.57 5.05 2.49
N SER A 24 5.79 5.57 2.44
CA SER A 24 6.09 6.79 1.71
C SER A 24 5.63 6.69 0.26
N HIS A 25 5.62 5.47 -0.26
CA HIS A 25 5.20 5.22 -1.63
C HIS A 25 3.69 5.29 -1.75
N LEU A 26 3.00 4.95 -0.66
CA LEU A 26 1.54 4.98 -0.64
C LEU A 26 1.02 6.39 -0.93
N ARG A 27 1.75 7.39 -0.45
CA ARG A 27 1.35 8.78 -0.66
C ARG A 27 1.33 9.12 -2.16
N ALA A 28 2.40 8.74 -2.86
CA ALA A 28 2.49 9.01 -4.29
C ALA A 28 1.40 8.27 -5.05
N HIS A 29 1.05 7.09 -4.57
CA HIS A 29 0.01 6.28 -5.20
C HIS A 29 -1.38 6.83 -4.86
N LEU A 30 -1.55 7.23 -3.61
CA LEU A 30 -2.84 7.77 -3.17
C LEU A 30 -3.22 9.02 -3.96
N ARG A 31 -2.25 9.92 -4.13
CA ARG A 31 -2.49 11.15 -4.88
C ARG A 31 -2.94 10.85 -6.31
N TRP A 32 -2.47 9.73 -6.84
CA TRP A 32 -2.84 9.33 -8.20
C TRP A 32 -4.30 8.91 -8.27
N HIS A 33 -4.81 8.35 -7.17
CA HIS A 33 -6.20 7.92 -7.12
C HIS A 33 -7.15 9.11 -7.02
N THR A 34 -6.66 10.19 -6.42
CA THR A 34 -7.45 11.42 -6.25
C THR A 34 -8.78 11.12 -5.56
N GLY A 35 -9.78 10.72 -6.34
CA GLY A 35 -11.09 10.42 -5.76
C GLY A 35 -11.27 8.94 -5.47
N GLU A 36 -12.07 8.27 -6.28
CA GLU A 36 -12.32 6.84 -6.10
C GLU A 36 -12.96 6.57 -4.74
N ARG A 37 -13.35 5.32 -4.52
CA ARG A 37 -13.96 4.92 -3.26
C ARG A 37 -12.89 4.55 -2.22
ZN ZN B . -4.55 1.74 -5.64
N MET A 1 -3.04 -14.10 10.17
CA MET A 1 -3.73 -13.67 11.42
C MET A 1 -2.79 -12.86 12.31
N ASP A 2 -1.69 -13.48 12.72
CA ASP A 2 -0.72 -12.82 13.58
C ASP A 2 0.33 -12.09 12.75
N PRO A 3 0.79 -10.92 13.22
CA PRO A 3 1.82 -10.13 12.52
C PRO A 3 3.20 -10.76 12.62
N GLY A 4 4.10 -10.34 11.73
CA GLY A 4 5.45 -10.86 11.74
C GLY A 4 6.47 -9.85 11.25
N LYS A 5 7.74 -10.24 11.24
CA LYS A 5 8.81 -9.36 10.78
C LYS A 5 9.01 -9.49 9.27
N LYS A 6 8.66 -8.44 8.55
CA LYS A 6 8.80 -8.43 7.10
C LYS A 6 8.96 -7.00 6.57
N LYS A 7 9.67 -6.86 5.46
CA LYS A 7 9.90 -5.55 4.87
C LYS A 7 9.17 -5.42 3.53
N GLN A 8 8.06 -4.69 3.54
CA GLN A 8 7.27 -4.49 2.34
C GLN A 8 6.12 -3.51 2.59
N HIS A 9 5.62 -2.91 1.51
CA HIS A 9 4.53 -1.95 1.62
C HIS A 9 3.34 -2.38 0.78
N ILE A 10 2.34 -2.97 1.43
CA ILE A 10 1.14 -3.44 0.74
C ILE A 10 0.04 -2.39 0.80
N CYS A 11 -0.83 -2.39 -0.20
CA CYS A 11 -1.93 -1.43 -0.26
C CYS A 11 -2.83 -1.56 0.96
N HIS A 12 -2.97 -0.47 1.71
CA HIS A 12 -3.80 -0.46 2.92
C HIS A 12 -5.24 -0.84 2.58
N ILE A 13 -5.65 -0.55 1.36
CA ILE A 13 -7.01 -0.85 0.92
C ILE A 13 -7.11 -2.30 0.45
N GLN A 14 -8.30 -2.87 0.58
CA GLN A 14 -8.54 -4.25 0.18
C GLN A 14 -9.01 -4.32 -1.27
N GLY A 15 -8.06 -4.20 -2.20
CA GLY A 15 -8.39 -4.26 -3.61
C GLY A 15 -7.16 -4.36 -4.49
N CYS A 16 -6.15 -3.55 -4.19
CA CYS A 16 -4.91 -3.56 -4.97
C CYS A 16 -3.94 -4.60 -4.42
N GLY A 17 -2.74 -4.63 -5.00
CA GLY A 17 -1.73 -5.57 -4.55
C GLY A 17 -0.44 -5.43 -5.33
N LYS A 18 0.11 -4.22 -5.35
CA LYS A 18 1.36 -3.96 -6.05
C LYS A 18 2.56 -4.26 -5.17
N VAL A 19 2.44 -4.01 -3.89
CA VAL A 19 3.51 -4.27 -2.93
C VAL A 19 4.84 -3.70 -3.43
N TYR A 20 5.09 -2.44 -3.10
CA TYR A 20 6.33 -1.78 -3.51
C TYR A 20 7.32 -1.70 -2.35
N GLY A 21 8.60 -1.62 -2.68
CA GLY A 21 9.64 -1.55 -1.67
C GLY A 21 10.06 -0.12 -1.38
N LYS A 22 9.13 0.81 -1.51
CA LYS A 22 9.42 2.22 -1.26
C LYS A 22 8.19 2.95 -0.74
N THR A 23 8.36 3.66 0.37
CA THR A 23 7.26 4.40 0.97
C THR A 23 6.88 5.61 0.12
N SER A 24 7.87 6.19 -0.54
CA SER A 24 7.63 7.35 -1.41
C SER A 24 6.60 7.02 -2.48
N HIS A 25 6.56 5.76 -2.90
CA HIS A 25 5.61 5.31 -3.90
C HIS A 25 4.22 5.16 -3.30
N LEU A 26 4.18 4.86 -2.01
CA LEU A 26 2.91 4.68 -1.30
C LEU A 26 2.15 6.00 -1.24
N ARG A 27 2.88 7.10 -1.04
CA ARG A 27 2.27 8.41 -0.95
C ARG A 27 1.60 8.80 -2.28
N ALA A 28 2.25 8.43 -3.39
CA ALA A 28 1.72 8.73 -4.71
C ALA A 28 0.57 7.81 -5.07
N HIS A 29 0.65 6.57 -4.60
CA HIS A 29 -0.38 5.58 -4.87
C HIS A 29 -1.59 5.79 -3.95
N LEU A 30 -1.32 6.26 -2.74
CA LEU A 30 -2.37 6.49 -1.75
C LEU A 30 -3.31 7.61 -2.21
N ARG A 31 -2.74 8.64 -2.83
CA ARG A 31 -3.54 9.77 -3.31
C ARG A 31 -4.60 9.31 -4.30
N TRP A 32 -4.29 8.24 -5.03
CA TRP A 32 -5.23 7.70 -6.02
C TRP A 32 -6.46 7.11 -5.33
N HIS A 33 -6.24 6.35 -4.26
CA HIS A 33 -7.33 5.74 -3.52
C HIS A 33 -8.24 6.80 -2.92
N THR A 34 -7.64 7.80 -2.29
CA THR A 34 -8.39 8.88 -1.66
C THR A 34 -8.97 9.82 -2.72
N GLY A 35 -10.29 9.97 -2.71
CA GLY A 35 -10.95 10.84 -3.66
C GLY A 35 -11.11 10.19 -5.03
N GLU A 36 -11.76 9.04 -5.06
CA GLU A 36 -11.99 8.32 -6.30
C GLU A 36 -13.33 8.71 -6.93
N ARG A 37 -13.47 8.41 -8.21
CA ARG A 37 -14.70 8.73 -8.93
C ARG A 37 -15.27 7.49 -9.60
ZN ZN B . -3.88 0.23 -4.16
N MET A 1 7.36 -9.00 21.36
CA MET A 1 7.00 -9.73 20.12
C MET A 1 8.25 -10.34 19.46
N ASP A 2 8.05 -11.01 18.34
CA ASP A 2 9.15 -11.63 17.62
C ASP A 2 9.48 -10.85 16.35
N PRO A 3 10.78 -10.76 16.00
CA PRO A 3 11.23 -10.03 14.82
C PRO A 3 10.88 -10.77 13.52
N GLY A 4 10.10 -10.11 12.67
CA GLY A 4 9.70 -10.71 11.41
C GLY A 4 10.06 -9.86 10.22
N LYS A 5 9.59 -10.24 9.04
CA LYS A 5 9.87 -9.50 7.82
C LYS A 5 8.64 -9.46 6.91
N LYS A 6 8.05 -8.28 6.78
CA LYS A 6 6.86 -8.09 5.95
C LYS A 6 7.05 -6.91 5.00
N LYS A 7 7.06 -7.21 3.71
CA LYS A 7 7.23 -6.17 2.69
C LYS A 7 6.12 -6.25 1.65
N GLN A 8 4.90 -6.53 2.11
CA GLN A 8 3.75 -6.63 1.22
C GLN A 8 2.61 -5.73 1.71
N HIS A 9 2.14 -4.85 0.82
CA HIS A 9 1.05 -3.94 1.16
C HIS A 9 -0.17 -4.20 0.29
N ILE A 10 -1.15 -4.91 0.85
CA ILE A 10 -2.37 -5.22 0.12
C ILE A 10 -3.29 -4.02 0.04
N CYS A 11 -3.73 -3.69 -1.16
CA CYS A 11 -4.62 -2.55 -1.38
C CYS A 11 -6.04 -2.89 -0.95
N HIS A 12 -6.51 -2.22 0.09
CA HIS A 12 -7.86 -2.44 0.61
C HIS A 12 -8.82 -1.38 0.06
N ILE A 13 -8.56 -0.93 -1.17
CA ILE A 13 -9.39 0.08 -1.80
C ILE A 13 -9.83 -0.37 -3.19
N GLN A 14 -11.14 -0.30 -3.43
CA GLN A 14 -11.70 -0.70 -4.73
C GLN A 14 -11.37 -2.15 -5.04
N GLY A 15 -10.18 -2.39 -5.59
CA GLY A 15 -9.78 -3.74 -5.93
C GLY A 15 -8.36 -3.80 -6.46
N CYS A 16 -7.49 -2.94 -5.97
CA CYS A 16 -6.10 -2.91 -6.40
C CYS A 16 -5.39 -4.21 -6.03
N GLY A 17 -4.07 -4.22 -6.18
CA GLY A 17 -3.31 -5.42 -5.84
C GLY A 17 -1.89 -5.37 -6.37
N LYS A 18 -1.23 -4.23 -6.18
CA LYS A 18 0.14 -4.06 -6.66
C LYS A 18 1.14 -4.60 -5.64
N VAL A 19 0.81 -4.42 -4.36
CA VAL A 19 1.67 -4.89 -3.27
C VAL A 19 3.11 -4.44 -3.47
N TYR A 20 3.48 -3.33 -2.83
CA TYR A 20 4.83 -2.80 -2.94
C TYR A 20 5.62 -3.05 -1.65
N GLY A 21 6.94 -3.09 -1.77
CA GLY A 21 7.78 -3.33 -0.61
C GLY A 21 8.25 -2.05 0.05
N LYS A 22 7.48 -0.98 -0.13
CA LYS A 22 7.82 0.31 0.46
C LYS A 22 6.57 1.04 0.94
N THR A 23 6.45 1.21 2.25
CA THR A 23 5.31 1.89 2.83
C THR A 23 5.24 3.34 2.39
N SER A 24 6.41 3.96 2.24
CA SER A 24 6.49 5.35 1.79
C SER A 24 5.78 5.54 0.46
N HIS A 25 5.79 4.49 -0.36
CA HIS A 25 5.14 4.54 -1.66
C HIS A 25 3.62 4.44 -1.51
N LEU A 26 3.18 3.78 -0.44
CA LEU A 26 1.76 3.62 -0.18
C LEU A 26 1.09 4.96 0.03
N ARG A 27 1.80 5.88 0.68
CA ARG A 27 1.27 7.22 0.94
C ARG A 27 0.99 7.95 -0.37
N ALA A 28 1.94 7.90 -1.29
CA ALA A 28 1.79 8.56 -2.58
C ALA A 28 0.71 7.85 -3.41
N HIS A 29 0.60 6.54 -3.22
CA HIS A 29 -0.39 5.76 -3.94
C HIS A 29 -1.78 5.98 -3.36
N LEU A 30 -1.83 6.25 -2.06
CA LEU A 30 -3.09 6.48 -1.37
C LEU A 30 -3.78 7.73 -1.92
N ARG A 31 -3.00 8.74 -2.26
CA ARG A 31 -3.54 9.98 -2.79
C ARG A 31 -4.35 9.72 -4.07
N TRP A 32 -3.96 8.69 -4.80
CA TRP A 32 -4.65 8.34 -6.04
C TRP A 32 -6.02 7.73 -5.75
N HIS A 33 -6.06 6.88 -4.74
CA HIS A 33 -7.31 6.22 -4.35
C HIS A 33 -8.33 7.24 -3.84
N THR A 34 -7.87 8.14 -2.97
CA THR A 34 -8.74 9.16 -2.40
C THR A 34 -8.84 10.36 -3.34
N GLY A 35 -9.88 10.36 -4.18
CA GLY A 35 -10.07 11.45 -5.12
C GLY A 35 -9.22 11.31 -6.36
N GLU A 36 -9.88 11.25 -7.51
CA GLU A 36 -9.17 11.12 -8.79
C GLU A 36 -9.22 12.42 -9.57
N ARG A 37 -8.43 12.48 -10.65
CA ARG A 37 -8.39 13.67 -11.49
C ARG A 37 -7.92 14.89 -10.69
ZN ZN B . -4.19 0.58 -4.99
N MET A 1 16.63 -19.11 13.35
CA MET A 1 16.51 -17.83 12.62
C MET A 1 15.17 -17.16 12.91
N ASP A 2 15.19 -16.15 13.77
CA ASP A 2 13.97 -15.43 14.12
C ASP A 2 13.39 -14.71 12.91
N PRO A 3 12.06 -14.54 12.87
CA PRO A 3 11.37 -13.87 11.76
C PRO A 3 11.66 -12.38 11.72
N GLY A 4 11.28 -11.73 10.63
CA GLY A 4 11.50 -10.30 10.48
C GLY A 4 10.29 -9.58 9.95
N LYS A 5 9.65 -10.14 8.94
CA LYS A 5 8.46 -9.55 8.34
C LYS A 5 7.33 -9.44 9.36
N LYS A 6 6.55 -8.37 9.26
CA LYS A 6 5.43 -8.16 10.16
C LYS A 6 4.32 -7.36 9.48
N LYS A 7 3.12 -7.93 9.43
CA LYS A 7 1.98 -7.28 8.80
C LYS A 7 2.25 -6.99 7.33
N GLN A 8 1.22 -6.54 6.62
CA GLN A 8 1.36 -6.23 5.20
C GLN A 8 0.48 -5.04 4.82
N HIS A 9 0.92 -4.29 3.81
CA HIS A 9 0.18 -3.12 3.35
C HIS A 9 -0.59 -3.44 2.07
N ILE A 10 -1.88 -3.11 2.06
CA ILE A 10 -2.71 -3.35 0.89
C ILE A 10 -3.51 -2.12 0.53
N CYS A 11 -3.79 -1.96 -0.77
CA CYS A 11 -4.55 -0.82 -1.26
C CYS A 11 -6.00 -0.87 -0.77
N HIS A 12 -6.35 0.05 0.11
CA HIS A 12 -7.71 0.10 0.66
C HIS A 12 -8.73 0.28 -0.45
N ILE A 13 -8.33 0.96 -1.53
CA ILE A 13 -9.22 1.21 -2.65
C ILE A 13 -9.49 -0.08 -3.42
N GLN A 14 -10.66 -0.14 -4.06
CA GLN A 14 -11.05 -1.32 -4.83
C GLN A 14 -10.49 -1.25 -6.25
N GLY A 15 -9.55 -2.14 -6.55
CA GLY A 15 -8.95 -2.17 -7.87
C GLY A 15 -7.49 -2.58 -7.85
N CYS A 16 -6.75 -2.02 -6.90
CA CYS A 16 -5.32 -2.34 -6.76
C CYS A 16 -5.11 -3.54 -5.86
N GLY A 17 -3.85 -3.98 -5.75
CA GLY A 17 -3.54 -5.12 -4.92
C GLY A 17 -2.04 -5.26 -4.68
N LYS A 18 -1.33 -4.14 -4.66
CA LYS A 18 0.11 -4.15 -4.44
C LYS A 18 0.43 -4.20 -2.95
N VAL A 19 1.71 -4.05 -2.62
CA VAL A 19 2.14 -4.08 -1.22
C VAL A 19 3.41 -3.28 -1.02
N TYR A 20 3.41 -2.42 0.00
CA TYR A 20 4.58 -1.59 0.31
C TYR A 20 4.89 -1.63 1.80
N GLY A 21 6.13 -1.96 2.14
CA GLY A 21 6.52 -2.02 3.53
C GLY A 21 6.45 -0.68 4.23
N LYS A 22 6.68 0.38 3.47
CA LYS A 22 6.65 1.74 4.03
C LYS A 22 5.31 2.41 3.75
N THR A 23 4.69 2.93 4.80
CA THR A 23 3.40 3.60 4.67
C THR A 23 3.55 4.90 3.87
N SER A 24 4.75 5.47 3.89
CA SER A 24 5.01 6.71 3.15
C SER A 24 4.64 6.54 1.68
N HIS A 25 4.71 5.31 1.20
CA HIS A 25 4.37 5.01 -0.19
C HIS A 25 2.85 5.03 -0.39
N LEU A 26 2.13 4.71 0.69
CA LEU A 26 0.67 4.70 0.64
C LEU A 26 0.12 6.09 0.36
N ARG A 27 0.71 7.09 1.02
CA ARG A 27 0.29 8.47 0.86
C ARG A 27 0.54 8.95 -0.58
N ALA A 28 1.73 8.65 -1.09
CA ALA A 28 2.10 9.04 -2.45
C ALA A 28 1.32 8.25 -3.48
N HIS A 29 1.02 6.99 -3.14
CA HIS A 29 0.28 6.12 -4.03
C HIS A 29 -1.21 6.47 -4.03
N LEU A 30 -1.72 6.82 -2.85
CA LEU A 30 -3.13 7.18 -2.72
C LEU A 30 -3.49 8.36 -3.61
N ARG A 31 -2.60 9.33 -3.68
CA ARG A 31 -2.83 10.52 -4.51
C ARG A 31 -3.03 10.13 -5.97
N TRP A 32 -2.41 9.03 -6.38
CA TRP A 32 -2.52 8.55 -7.76
C TRP A 32 -3.94 8.07 -8.04
N HIS A 33 -4.50 7.29 -7.13
CA HIS A 33 -5.84 6.76 -7.28
C HIS A 33 -6.86 7.89 -7.39
N THR A 34 -6.64 8.95 -6.63
CA THR A 34 -7.54 10.11 -6.64
C THR A 34 -7.44 10.86 -7.97
N GLY A 35 -8.41 10.65 -8.84
CA GLY A 35 -8.42 11.31 -10.13
C GLY A 35 -8.69 10.35 -11.28
N GLU A 36 -9.67 9.47 -11.09
CA GLU A 36 -10.02 8.49 -12.11
C GLU A 36 -11.48 8.65 -12.52
N ARG A 37 -12.36 8.77 -11.53
CA ARG A 37 -13.78 8.94 -11.80
C ARG A 37 -14.14 10.40 -12.03
ZN ZN B . -3.36 0.97 -5.63
N MET A 1 14.65 -0.64 16.99
CA MET A 1 14.05 -1.22 18.22
C MET A 1 13.04 -2.33 17.87
N ASP A 2 13.50 -3.57 17.96
CA ASP A 2 12.65 -4.71 17.66
C ASP A 2 12.15 -4.66 16.21
N PRO A 3 12.87 -5.32 15.28
CA PRO A 3 12.49 -5.34 13.87
C PRO A 3 11.04 -5.73 13.66
N GLY A 4 10.57 -5.61 12.42
CA GLY A 4 9.19 -5.95 12.12
C GLY A 4 9.07 -6.96 10.99
N LYS A 5 7.87 -7.49 10.79
CA LYS A 5 7.64 -8.46 9.74
C LYS A 5 7.01 -7.81 8.52
N LYS A 6 7.53 -8.15 7.34
CA LYS A 6 7.02 -7.59 6.09
C LYS A 6 6.24 -8.63 5.30
N LYS A 7 5.17 -8.21 4.66
CA LYS A 7 4.34 -9.11 3.86
C LYS A 7 3.81 -8.40 2.61
N GLN A 8 3.05 -9.13 1.80
CA GLN A 8 2.48 -8.58 0.59
C GLN A 8 1.09 -8.00 0.83
N HIS A 9 0.84 -6.82 0.27
CA HIS A 9 -0.44 -6.15 0.43
C HIS A 9 -1.11 -5.92 -0.91
N ILE A 10 -2.44 -5.95 -0.93
CA ILE A 10 -3.19 -5.73 -2.16
C ILE A 10 -4.22 -4.63 -1.99
N CYS A 11 -4.55 -3.96 -3.09
CA CYS A 11 -5.52 -2.87 -3.05
C CYS A 11 -6.95 -3.43 -2.93
N HIS A 12 -7.46 -3.44 -1.71
CA HIS A 12 -8.81 -3.93 -1.45
C HIS A 12 -9.86 -3.05 -2.15
N ILE A 13 -9.52 -1.78 -2.32
CA ILE A 13 -10.43 -0.84 -2.97
C ILE A 13 -10.77 -1.30 -4.38
N GLN A 14 -12.06 -1.25 -4.71
CA GLN A 14 -12.53 -1.66 -6.04
C GLN A 14 -11.92 -0.78 -7.12
N GLY A 15 -10.95 -1.33 -7.85
CA GLY A 15 -10.29 -0.59 -8.91
C GLY A 15 -8.88 -1.05 -9.18
N CYS A 16 -8.01 -0.90 -8.18
CA CYS A 16 -6.61 -1.30 -8.31
C CYS A 16 -6.45 -2.78 -7.96
N GLY A 17 -5.24 -3.29 -8.11
CA GLY A 17 -4.97 -4.69 -7.81
C GLY A 17 -3.50 -5.05 -7.94
N LYS A 18 -2.63 -4.19 -7.42
CA LYS A 18 -1.19 -4.42 -7.48
C LYS A 18 -0.71 -5.17 -6.25
N VAL A 19 0.60 -5.30 -6.12
CA VAL A 19 1.19 -6.00 -4.97
C VAL A 19 2.61 -5.52 -4.71
N TYR A 20 2.97 -5.40 -3.44
CA TYR A 20 4.30 -4.96 -3.04
C TYR A 20 4.73 -5.63 -1.74
N GLY A 21 6.04 -5.75 -1.54
CA GLY A 21 6.54 -6.37 -0.33
C GLY A 21 6.87 -5.36 0.76
N LYS A 22 6.21 -4.20 0.71
CA LYS A 22 6.45 -3.16 1.71
C LYS A 22 5.18 -2.34 1.94
N THR A 23 4.77 -2.23 3.19
CA THR A 23 3.57 -1.47 3.54
C THR A 23 3.82 0.03 3.38
N SER A 24 5.07 0.45 3.59
CA SER A 24 5.43 1.85 3.44
C SER A 24 5.05 2.37 2.06
N HIS A 25 5.02 1.46 1.09
CA HIS A 25 4.65 1.82 -0.27
C HIS A 25 3.14 2.02 -0.37
N LEU A 26 2.40 1.34 0.50
CA LEU A 26 0.95 1.44 0.53
C LEU A 26 0.52 2.84 0.99
N ARG A 27 1.27 3.40 1.92
CA ARG A 27 0.97 4.73 2.45
C ARG A 27 1.12 5.79 1.35
N ALA A 28 2.13 5.63 0.52
CA ALA A 28 2.38 6.55 -0.58
C ALA A 28 1.40 6.32 -1.72
N HIS A 29 1.04 5.06 -1.92
CA HIS A 29 0.11 4.69 -2.97
C HIS A 29 -1.32 5.05 -2.57
N LEU A 30 -1.60 4.99 -1.27
CA LEU A 30 -2.93 5.31 -0.77
C LEU A 30 -3.27 6.77 -1.02
N ARG A 31 -2.30 7.65 -0.79
CA ARG A 31 -2.50 9.09 -0.99
C ARG A 31 -2.88 9.38 -2.44
N TRP A 32 -2.40 8.54 -3.35
CA TRP A 32 -2.68 8.71 -4.77
C TRP A 32 -4.16 8.44 -5.06
N HIS A 33 -4.68 7.37 -4.48
CA HIS A 33 -6.07 7.00 -4.67
C HIS A 33 -7.01 8.10 -4.19
N THR A 34 -6.62 8.75 -3.10
CA THR A 34 -7.42 9.85 -2.54
C THR A 34 -6.67 11.16 -2.60
N GLY A 35 -7.02 12.00 -3.58
CA GLY A 35 -6.36 13.28 -3.74
C GLY A 35 -5.70 13.43 -5.09
N GLU A 36 -6.50 13.66 -6.12
CA GLU A 36 -5.99 13.83 -7.47
C GLU A 36 -6.56 15.08 -8.12
N ARG A 37 -7.89 15.14 -8.21
CA ARG A 37 -8.57 16.28 -8.81
C ARG A 37 -9.63 16.84 -7.88
ZN ZN B . -4.21 0.86 -5.95
N MET A 1 9.86 -13.90 16.15
CA MET A 1 10.09 -12.49 16.57
C MET A 1 9.60 -11.51 15.51
N ASP A 2 9.84 -10.23 15.75
CA ASP A 2 9.42 -9.19 14.81
C ASP A 2 10.38 -9.12 13.61
N PRO A 3 11.69 -9.00 13.88
CA PRO A 3 12.70 -8.93 12.83
C PRO A 3 12.58 -10.06 11.82
N GLY A 4 13.21 -9.90 10.66
CA GLY A 4 13.15 -10.92 9.63
C GLY A 4 11.86 -10.87 8.83
N LYS A 5 10.81 -11.48 9.37
CA LYS A 5 9.51 -11.50 8.70
C LYS A 5 8.79 -10.17 8.88
N LYS A 6 8.34 -9.60 7.77
CA LYS A 6 7.63 -8.32 7.80
C LYS A 6 6.35 -8.40 6.97
N LYS A 7 5.30 -7.74 7.45
CA LYS A 7 4.02 -7.72 6.75
C LYS A 7 3.97 -6.59 5.73
N GLN A 8 3.53 -6.91 4.52
CA GLN A 8 3.42 -5.92 3.46
C GLN A 8 2.06 -5.23 3.47
N HIS A 9 1.88 -4.25 2.60
CA HIS A 9 0.62 -3.52 2.52
C HIS A 9 -0.04 -3.74 1.16
N ILE A 10 -1.35 -3.95 1.17
CA ILE A 10 -2.10 -4.17 -0.05
C ILE A 10 -3.30 -3.23 -0.14
N CYS A 11 -3.56 -2.73 -1.34
CA CYS A 11 -4.69 -1.82 -1.56
C CYS A 11 -6.00 -2.48 -1.19
N HIS A 12 -6.64 -1.96 -0.14
CA HIS A 12 -7.92 -2.50 0.31
C HIS A 12 -9.07 -2.00 -0.55
N ILE A 13 -8.82 -0.93 -1.30
CA ILE A 13 -9.84 -0.35 -2.17
C ILE A 13 -10.24 -1.33 -3.27
N GLN A 14 -11.44 -1.15 -3.81
CA GLN A 14 -11.95 -2.00 -4.87
C GLN A 14 -11.48 -1.52 -6.25
N GLY A 15 -10.25 -1.84 -6.60
CA GLY A 15 -9.71 -1.43 -7.88
C GLY A 15 -8.27 -1.85 -8.08
N CYS A 16 -7.44 -1.63 -7.06
CA CYS A 16 -6.03 -1.99 -7.14
C CYS A 16 -5.80 -3.38 -6.56
N GLY A 17 -4.56 -3.86 -6.64
CA GLY A 17 -4.24 -5.17 -6.11
C GLY A 17 -2.76 -5.49 -6.20
N LYS A 18 -1.92 -4.47 -6.02
CA LYS A 18 -0.48 -4.64 -6.08
C LYS A 18 0.07 -5.07 -4.72
N VAL A 19 1.40 -5.09 -4.62
CA VAL A 19 2.05 -5.49 -3.37
C VAL A 19 3.16 -4.51 -3.00
N TYR A 20 3.10 -3.99 -1.78
CA TYR A 20 4.10 -3.04 -1.30
C TYR A 20 4.12 -2.99 0.23
N GLY A 21 5.25 -3.37 0.81
CA GLY A 21 5.37 -3.37 2.25
C GLY A 21 6.07 -2.12 2.77
N LYS A 22 5.55 -0.96 2.39
CA LYS A 22 6.14 0.31 2.82
C LYS A 22 5.07 1.39 2.94
N THR A 23 4.95 1.97 4.14
CA THR A 23 3.96 3.02 4.38
C THR A 23 4.22 4.23 3.49
N SER A 24 5.49 4.58 3.33
CA SER A 24 5.86 5.71 2.50
C SER A 24 5.34 5.55 1.08
N HIS A 25 5.32 4.30 0.61
CA HIS A 25 4.83 4.00 -0.72
C HIS A 25 3.30 4.05 -0.75
N LEU A 26 2.70 3.70 0.39
CA LEU A 26 1.25 3.71 0.52
C LEU A 26 0.71 5.13 0.55
N ARG A 27 1.50 6.03 1.14
CA ARG A 27 1.10 7.44 1.25
C ARG A 27 1.19 8.10 -0.12
N ALA A 28 2.21 7.76 -0.89
CA ALA A 28 2.41 8.33 -2.21
C ALA A 28 1.44 7.70 -3.22
N HIS A 29 1.13 6.42 -2.99
CA HIS A 29 0.22 5.70 -3.86
C HIS A 29 -1.22 6.05 -3.53
N LEU A 30 -1.49 6.33 -2.25
CA LEU A 30 -2.84 6.67 -1.81
C LEU A 30 -3.30 7.98 -2.45
N ARG A 31 -2.39 8.95 -2.54
CA ARG A 31 -2.72 10.25 -3.11
C ARG A 31 -3.18 10.09 -4.56
N TRP A 32 -2.67 9.05 -5.23
CA TRP A 32 -3.05 8.79 -6.61
C TRP A 32 -4.50 8.32 -6.71
N HIS A 33 -4.93 7.56 -5.72
CA HIS A 33 -6.30 7.04 -5.68
C HIS A 33 -7.29 8.16 -5.39
N THR A 34 -6.86 9.12 -4.58
CA THR A 34 -7.72 10.24 -4.21
C THR A 34 -7.51 11.43 -5.16
N GLY A 35 -8.47 11.63 -6.05
CA GLY A 35 -8.38 12.72 -7.01
C GLY A 35 -7.98 12.24 -8.39
N GLU A 36 -8.40 11.03 -8.74
CA GLU A 36 -8.08 10.46 -10.04
C GLU A 36 -9.33 10.37 -10.91
N ARG A 37 -10.47 10.14 -10.27
CA ARG A 37 -11.74 10.04 -10.99
C ARG A 37 -12.62 11.25 -10.71
ZN ZN B . -3.87 0.96 -5.51
N MET A 1 5.74 -15.86 15.77
CA MET A 1 6.54 -15.22 14.69
C MET A 1 7.05 -13.85 15.12
N ASP A 2 7.72 -13.81 16.26
CA ASP A 2 8.27 -12.57 16.80
C ASP A 2 9.50 -12.14 16.02
N PRO A 3 10.56 -12.98 16.02
CA PRO A 3 11.81 -12.68 15.31
C PRO A 3 11.66 -12.84 13.79
N GLY A 4 12.06 -11.80 13.06
CA GLY A 4 11.97 -11.85 11.62
C GLY A 4 10.56 -11.61 11.11
N LYS A 5 10.13 -10.35 11.10
CA LYS A 5 8.79 -9.99 10.64
C LYS A 5 8.86 -9.02 9.49
N LYS A 6 8.05 -9.26 8.45
CA LYS A 6 8.03 -8.40 7.27
C LYS A 6 6.67 -7.72 7.13
N LYS A 7 6.66 -6.55 6.51
CA LYS A 7 5.43 -5.80 6.31
C LYS A 7 4.96 -5.89 4.86
N GLN A 8 3.65 -5.77 4.65
CA GLN A 8 3.09 -5.83 3.31
C GLN A 8 2.06 -4.73 3.10
N HIS A 9 2.36 -3.82 2.18
CA HIS A 9 1.47 -2.72 1.88
C HIS A 9 0.57 -3.04 0.69
N ILE A 10 -0.67 -3.43 0.98
CA ILE A 10 -1.61 -3.78 -0.07
C ILE A 10 -2.70 -2.72 -0.20
N CYS A 11 -2.99 -2.32 -1.44
CA CYS A 11 -4.00 -1.31 -1.69
C CYS A 11 -5.37 -1.75 -1.17
N HIS A 12 -5.85 -1.06 -0.14
CA HIS A 12 -7.14 -1.39 0.45
C HIS A 12 -8.28 -0.70 -0.30
N ILE A 13 -8.33 -0.89 -1.61
CA ILE A 13 -9.36 -0.28 -2.45
C ILE A 13 -9.77 -1.22 -3.57
N GLN A 14 -11.06 -1.24 -3.87
CA GLN A 14 -11.59 -2.09 -4.93
C GLN A 14 -11.10 -1.63 -6.29
N GLY A 15 -9.82 -1.88 -6.58
CA GLY A 15 -9.26 -1.47 -7.86
C GLY A 15 -7.83 -1.96 -8.05
N CYS A 16 -6.97 -1.69 -7.08
CA CYS A 16 -5.57 -2.10 -7.15
C CYS A 16 -5.34 -3.37 -6.35
N GLY A 17 -4.11 -3.89 -6.42
CA GLY A 17 -3.78 -5.10 -5.69
C GLY A 17 -2.29 -5.40 -5.72
N LYS A 18 -1.48 -4.35 -5.65
CA LYS A 18 -0.03 -4.50 -5.66
C LYS A 18 0.52 -4.68 -4.25
N VAL A 19 1.84 -4.66 -4.12
CA VAL A 19 2.48 -4.82 -2.82
C VAL A 19 3.64 -3.85 -2.65
N TYR A 20 3.78 -3.32 -1.44
CA TYR A 20 4.86 -2.37 -1.15
C TYR A 20 5.42 -2.61 0.25
N GLY A 21 6.68 -2.20 0.45
CA GLY A 21 7.32 -2.38 1.74
C GLY A 21 7.66 -1.07 2.41
N LYS A 22 7.06 0.01 1.95
CA LYS A 22 7.31 1.34 2.51
C LYS A 22 6.09 2.23 2.40
N THR A 23 5.76 2.91 3.50
CA THR A 23 4.60 3.80 3.52
C THR A 23 4.85 5.04 2.67
N SER A 24 6.10 5.50 2.64
CA SER A 24 6.47 6.67 1.86
C SER A 24 6.07 6.50 0.40
N HIS A 25 6.08 5.26 -0.08
CA HIS A 25 5.71 4.96 -1.45
C HIS A 25 4.19 5.03 -1.62
N LEU A 26 3.47 4.74 -0.53
CA LEU A 26 2.02 4.77 -0.55
C LEU A 26 1.51 6.19 -0.77
N ARG A 27 2.23 7.17 -0.22
CA ARG A 27 1.86 8.56 -0.36
C ARG A 27 1.89 8.99 -1.81
N ALA A 28 2.87 8.48 -2.55
CA ALA A 28 3.02 8.81 -3.95
C ALA A 28 1.98 8.06 -4.80
N HIS A 29 1.83 6.78 -4.51
CA HIS A 29 0.88 5.95 -5.23
C HIS A 29 -0.56 6.33 -4.88
N LEU A 30 -0.75 6.82 -3.66
CA LEU A 30 -2.07 7.23 -3.20
C LEU A 30 -2.59 8.43 -3.99
N ARG A 31 -1.69 9.35 -4.31
CA ARG A 31 -2.08 10.55 -5.04
C ARG A 31 -2.68 10.19 -6.40
N TRP A 32 -2.21 9.09 -6.97
CA TRP A 32 -2.70 8.62 -8.27
C TRP A 32 -4.12 8.07 -8.15
N HIS A 33 -4.42 7.48 -7.00
CA HIS A 33 -5.74 6.91 -6.76
C HIS A 33 -6.78 8.01 -6.53
N THR A 34 -6.32 9.15 -6.01
CA THR A 34 -7.21 10.28 -5.75
C THR A 34 -8.42 9.84 -4.91
N GLY A 35 -9.37 10.75 -4.74
CA GLY A 35 -10.56 10.45 -3.96
C GLY A 35 -11.49 9.49 -4.67
N GLU A 36 -11.63 9.66 -5.99
CA GLU A 36 -12.50 8.80 -6.78
C GLU A 36 -13.96 8.95 -6.34
N ARG A 37 -14.84 9.13 -7.32
CA ARG A 37 -16.27 9.29 -7.04
C ARG A 37 -17.10 8.93 -8.27
ZN ZN B . -3.19 0.92 -5.98
N MET A 1 12.12 -10.28 10.07
CA MET A 1 12.24 -9.16 9.10
C MET A 1 11.77 -9.60 7.71
N ASP A 2 12.55 -10.47 7.08
CA ASP A 2 12.22 -10.97 5.74
C ASP A 2 11.29 -12.17 5.84
N PRO A 3 11.66 -13.20 6.61
CA PRO A 3 10.85 -14.41 6.77
C PRO A 3 9.41 -14.08 7.16
N GLY A 4 9.25 -13.36 8.26
CA GLY A 4 7.91 -13.00 8.72
C GLY A 4 7.77 -11.50 8.97
N LYS A 5 6.60 -10.97 8.65
CA LYS A 5 6.35 -9.54 8.84
C LYS A 5 5.03 -9.33 9.59
N LYS A 6 5.05 -8.40 10.55
CA LYS A 6 3.87 -8.10 11.34
C LYS A 6 3.18 -6.84 10.82
N LYS A 7 1.89 -6.94 10.52
CA LYS A 7 1.12 -5.81 10.02
C LYS A 7 1.71 -5.31 8.71
N GLN A 8 1.05 -5.65 7.60
CA GLN A 8 1.51 -5.24 6.28
C GLN A 8 0.53 -4.24 5.67
N HIS A 9 1.06 -3.30 4.89
CA HIS A 9 0.24 -2.29 4.23
C HIS A 9 -0.20 -2.76 2.86
N ILE A 10 -1.51 -2.90 2.67
CA ILE A 10 -2.06 -3.35 1.39
C ILE A 10 -3.02 -2.32 0.82
N CYS A 11 -3.10 -2.26 -0.51
CA CYS A 11 -3.99 -1.32 -1.18
C CYS A 11 -5.45 -1.69 -0.96
N HIS A 12 -6.10 -1.03 -0.02
CA HIS A 12 -7.50 -1.29 0.28
C HIS A 12 -8.38 -1.08 -0.96
N ILE A 13 -7.94 -0.17 -1.82
CA ILE A 13 -8.68 0.12 -3.05
C ILE A 13 -8.76 -1.12 -3.95
N GLN A 14 -9.99 -1.54 -4.24
CA GLN A 14 -10.21 -2.71 -5.09
C GLN A 14 -9.60 -2.50 -6.46
N GLY A 15 -8.34 -2.93 -6.63
CA GLY A 15 -7.67 -2.78 -7.90
C GLY A 15 -6.21 -3.18 -7.83
N CYS A 16 -5.46 -2.54 -6.93
CA CYS A 16 -4.05 -2.84 -6.77
C CYS A 16 -3.84 -4.21 -6.14
N GLY A 17 -2.59 -4.50 -5.80
CA GLY A 17 -2.27 -5.77 -5.18
C GLY A 17 -0.80 -5.90 -4.83
N LYS A 18 -0.20 -4.77 -4.43
CA LYS A 18 1.22 -4.75 -4.05
C LYS A 18 1.39 -4.87 -2.55
N VAL A 19 2.62 -4.69 -2.08
CA VAL A 19 2.91 -4.78 -0.65
C VAL A 19 4.07 -3.87 -0.27
N TYR A 20 3.92 -3.17 0.85
CA TYR A 20 4.95 -2.26 1.33
C TYR A 20 4.95 -2.18 2.85
N GLY A 21 6.14 -2.08 3.43
CA GLY A 21 6.25 -2.01 4.88
C GLY A 21 6.55 -0.61 5.37
N LYS A 22 6.03 0.39 4.66
CA LYS A 22 6.24 1.79 5.03
C LYS A 22 5.05 2.65 4.63
N THR A 23 4.50 3.38 5.59
CA THR A 23 3.36 4.25 5.33
C THR A 23 3.69 5.30 4.28
N SER A 24 4.96 5.73 4.27
CA SER A 24 5.40 6.73 3.30
C SER A 24 5.12 6.25 1.88
N HIS A 25 5.14 4.94 1.67
CA HIS A 25 4.86 4.37 0.37
C HIS A 25 3.36 4.40 0.09
N LEU A 26 2.58 4.27 1.15
CA LEU A 26 1.12 4.30 1.04
C LEU A 26 0.65 5.71 0.69
N ARG A 27 1.27 6.70 1.32
CA ARG A 27 0.91 8.09 1.07
C ARG A 27 1.33 8.50 -0.33
N ALA A 28 2.50 8.04 -0.77
CA ALA A 28 3.01 8.35 -2.09
C ALA A 28 2.27 7.56 -3.16
N HIS A 29 1.84 6.35 -2.80
CA HIS A 29 1.12 5.49 -3.72
C HIS A 29 -0.32 5.96 -3.89
N LEU A 30 -0.87 6.56 -2.83
CA LEU A 30 -2.24 7.05 -2.87
C LEU A 30 -2.40 8.20 -3.86
N ARG A 31 -1.38 9.05 -3.93
CA ARG A 31 -1.42 10.19 -4.84
C ARG A 31 -1.57 9.73 -6.28
N TRP A 32 -1.06 8.55 -6.58
CA TRP A 32 -1.14 7.99 -7.92
C TRP A 32 -2.57 7.60 -8.26
N HIS A 33 -3.25 6.96 -7.32
CA HIS A 33 -4.64 6.54 -7.51
C HIS A 33 -5.55 7.74 -7.73
N THR A 34 -5.26 8.84 -7.02
CA THR A 34 -6.04 10.07 -7.12
C THR A 34 -7.54 9.80 -6.96
N GLY A 35 -8.33 10.86 -6.89
CA GLY A 35 -9.77 10.72 -6.73
C GLY A 35 -10.40 9.91 -7.84
N GLU A 36 -10.71 8.65 -7.56
CA GLU A 36 -11.32 7.77 -8.54
C GLU A 36 -12.81 8.04 -8.66
N ARG A 37 -13.29 8.21 -9.90
CA ARG A 37 -14.68 8.48 -10.15
C ARG A 37 -15.13 9.77 -9.47
ZN ZN B . -2.78 0.63 -5.48
N MET A 1 6.15 -9.62 20.19
CA MET A 1 6.77 -10.95 19.99
C MET A 1 6.41 -11.53 18.63
N ASP A 2 5.13 -11.52 18.30
CA ASP A 2 4.67 -12.05 17.02
C ASP A 2 5.03 -11.10 15.87
N PRO A 3 4.80 -9.78 16.04
CA PRO A 3 5.11 -8.80 15.01
C PRO A 3 6.55 -8.90 14.52
N GLY A 4 6.71 -9.37 13.28
CA GLY A 4 8.04 -9.51 12.71
C GLY A 4 8.23 -8.67 11.45
N LYS A 5 8.73 -9.30 10.39
CA LYS A 5 8.96 -8.61 9.13
C LYS A 5 7.76 -8.75 8.21
N LYS A 6 7.66 -7.86 7.24
CA LYS A 6 6.55 -7.88 6.28
C LYS A 6 7.07 -8.13 4.87
N LYS A 7 6.30 -8.89 4.09
CA LYS A 7 6.68 -9.20 2.72
C LYS A 7 5.95 -8.30 1.73
N GLN A 8 6.64 -7.24 1.30
CA GLN A 8 6.05 -6.29 0.36
C GLN A 8 4.79 -5.64 0.93
N HIS A 9 4.36 -4.55 0.32
CA HIS A 9 3.17 -3.84 0.78
C HIS A 9 2.05 -3.97 -0.25
N ILE A 10 0.98 -4.65 0.14
CA ILE A 10 -0.16 -4.84 -0.75
C ILE A 10 -1.32 -3.92 -0.35
N CYS A 11 -2.00 -3.38 -1.36
CA CYS A 11 -3.13 -2.48 -1.12
C CYS A 11 -4.27 -3.19 -0.41
N HIS A 12 -4.28 -3.09 0.92
CA HIS A 12 -5.31 -3.73 1.72
C HIS A 12 -6.70 -3.22 1.32
N ILE A 13 -6.75 -1.99 0.81
CA ILE A 13 -8.01 -1.38 0.40
C ILE A 13 -8.59 -2.10 -0.81
N GLN A 14 -9.91 -2.21 -0.86
CA GLN A 14 -10.59 -2.86 -1.97
C GLN A 14 -10.56 -1.99 -3.23
N GLY A 15 -9.37 -1.76 -3.75
CA GLY A 15 -9.22 -0.94 -4.93
C GLY A 15 -8.41 -1.62 -6.02
N CYS A 16 -7.09 -1.64 -5.83
CA CYS A 16 -6.20 -2.27 -6.81
C CYS A 16 -5.53 -3.51 -6.21
N GLY A 17 -4.51 -4.01 -6.89
CA GLY A 17 -3.79 -5.18 -6.41
C GLY A 17 -2.37 -5.22 -6.89
N LYS A 18 -1.68 -4.09 -6.81
CA LYS A 18 -0.29 -4.01 -7.26
C LYS A 18 0.66 -4.48 -6.16
N VAL A 19 1.96 -4.31 -6.39
CA VAL A 19 2.97 -4.72 -5.43
C VAL A 19 4.06 -3.67 -5.29
N TYR A 20 4.45 -3.38 -4.06
CA TYR A 20 5.49 -2.40 -3.79
C TYR A 20 6.12 -2.62 -2.42
N GLY A 21 7.43 -2.79 -2.39
CA GLY A 21 8.13 -3.01 -1.14
C GLY A 21 8.72 -1.73 -0.57
N LYS A 22 7.95 -0.64 -0.64
CA LYS A 22 8.41 0.65 -0.13
C LYS A 22 7.23 1.47 0.38
N THR A 23 7.33 1.92 1.62
CA THR A 23 6.27 2.73 2.23
C THR A 23 6.10 4.05 1.48
N SER A 24 7.22 4.65 1.08
CA SER A 24 7.19 5.91 0.37
C SER A 24 6.33 5.80 -0.89
N HIS A 25 6.30 4.61 -1.48
CA HIS A 25 5.50 4.36 -2.67
C HIS A 25 4.03 4.24 -2.29
N LEU A 26 3.77 3.83 -1.06
CA LEU A 26 2.40 3.67 -0.57
C LEU A 26 1.73 5.03 -0.39
N ARG A 27 2.50 6.00 0.10
CA ARG A 27 1.98 7.34 0.33
C ARG A 27 1.63 8.00 -1.01
N ALA A 28 2.45 7.76 -2.02
CA ALA A 28 2.23 8.33 -3.34
C ALA A 28 1.03 7.67 -4.02
N HIS A 29 0.85 6.38 -3.76
CA HIS A 29 -0.26 5.64 -4.34
C HIS A 29 -1.57 5.95 -3.62
N LEU A 30 -1.47 6.21 -2.32
CA LEU A 30 -2.65 6.53 -1.52
C LEU A 30 -3.30 7.83 -1.98
N ARG A 31 -2.49 8.81 -2.34
CA ARG A 31 -2.99 10.10 -2.79
C ARG A 31 -3.87 9.93 -4.03
N TRP A 32 -3.57 8.91 -4.83
CA TRP A 32 -4.33 8.64 -6.04
C TRP A 32 -5.72 8.12 -5.70
N HIS A 33 -5.81 7.33 -4.63
CA HIS A 33 -7.08 6.76 -4.21
C HIS A 33 -7.99 7.83 -3.61
N THR A 34 -7.42 8.68 -2.76
CA THR A 34 -8.18 9.74 -2.12
C THR A 34 -8.55 10.82 -3.13
N GLY A 35 -9.81 10.82 -3.56
CA GLY A 35 -10.27 11.80 -4.52
C GLY A 35 -9.93 11.42 -5.94
N GLU A 36 -10.73 10.55 -6.54
CA GLU A 36 -10.50 10.11 -7.91
C GLU A 36 -11.51 10.74 -8.86
N ARG A 37 -12.71 11.01 -8.36
CA ARG A 37 -13.76 11.62 -9.17
C ARG A 37 -13.38 13.05 -9.56
ZN ZN B . -4.52 0.74 -4.48
N MET A 1 11.17 -13.56 18.15
CA MET A 1 10.86 -14.63 17.16
C MET A 1 9.71 -14.22 16.24
N ASP A 2 8.64 -13.71 16.84
CA ASP A 2 7.47 -13.28 16.08
C ASP A 2 7.84 -12.19 15.08
N PRO A 3 8.50 -11.11 15.55
CA PRO A 3 8.90 -10.00 14.69
C PRO A 3 9.67 -10.47 13.45
N GLY A 4 10.12 -9.53 12.64
CA GLY A 4 10.86 -9.86 11.45
C GLY A 4 9.98 -10.41 10.34
N LYS A 5 8.71 -10.04 10.38
CA LYS A 5 7.75 -10.49 9.37
C LYS A 5 7.90 -9.69 8.08
N LYS A 6 7.23 -10.13 7.03
CA LYS A 6 7.29 -9.45 5.74
C LYS A 6 6.19 -8.41 5.61
N LYS A 7 6.59 -7.14 5.51
CA LYS A 7 5.64 -6.05 5.37
C LYS A 7 4.75 -6.25 4.15
N GLN A 8 4.98 -5.45 3.14
CA GLN A 8 4.22 -5.49 1.89
C GLN A 8 2.95 -4.66 2.00
N HIS A 9 2.89 -3.58 1.24
CA HIS A 9 1.74 -2.69 1.25
C HIS A 9 0.70 -3.13 0.23
N ILE A 10 -0.47 -3.52 0.71
CA ILE A 10 -1.55 -3.97 -0.16
C ILE A 10 -2.68 -2.94 -0.21
N CYS A 11 -3.01 -2.49 -1.40
CA CYS A 11 -4.07 -1.50 -1.59
C CYS A 11 -5.36 -1.95 -0.89
N HIS A 12 -5.63 -1.39 0.28
CA HIS A 12 -6.83 -1.74 1.03
C HIS A 12 -8.09 -1.46 0.21
N ILE A 13 -8.01 -0.46 -0.66
CA ILE A 13 -9.14 -0.10 -1.51
C ILE A 13 -9.48 -1.23 -2.47
N GLN A 14 -10.75 -1.64 -2.48
CA GLN A 14 -11.19 -2.71 -3.36
C GLN A 14 -10.98 -2.34 -4.82
N GLY A 15 -9.94 -2.93 -5.43
CA GLY A 15 -9.65 -2.65 -6.82
C GLY A 15 -8.21 -2.95 -7.18
N CYS A 16 -7.28 -2.20 -6.59
CA CYS A 16 -5.85 -2.39 -6.85
C CYS A 16 -5.38 -3.75 -6.32
N GLY A 17 -4.06 -3.93 -6.27
CA GLY A 17 -3.51 -5.17 -5.78
C GLY A 17 -2.00 -5.24 -5.97
N LYS A 18 -1.33 -4.12 -5.72
CA LYS A 18 0.13 -4.07 -5.85
C LYS A 18 0.81 -4.40 -4.53
N VAL A 19 2.11 -4.19 -4.47
CA VAL A 19 2.88 -4.48 -3.26
C VAL A 19 4.11 -3.59 -3.16
N TYR A 20 4.25 -2.89 -2.04
CA TYR A 20 5.38 -2.01 -1.81
C TYR A 20 6.03 -2.28 -0.46
N GLY A 21 7.31 -1.95 -0.35
CA GLY A 21 8.03 -2.17 0.89
C GLY A 21 8.37 -0.87 1.60
N LYS A 22 7.60 0.18 1.32
CA LYS A 22 7.82 1.48 1.93
C LYS A 22 6.52 2.24 2.09
N THR A 23 6.30 2.82 3.26
CA THR A 23 5.09 3.58 3.54
C THR A 23 5.08 4.89 2.76
N SER A 24 6.26 5.45 2.55
CA SER A 24 6.39 6.71 1.82
C SER A 24 5.74 6.60 0.44
N HIS A 25 5.75 5.41 -0.12
CA HIS A 25 5.16 5.17 -1.43
C HIS A 25 3.64 5.14 -1.33
N LEU A 26 3.14 4.71 -0.17
CA LEU A 26 1.70 4.64 0.07
C LEU A 26 1.07 6.02 -0.04
N ARG A 27 1.74 7.02 0.51
CA ARG A 27 1.24 8.39 0.48
C ARG A 27 1.10 8.89 -0.96
N ALA A 28 2.12 8.64 -1.77
CA ALA A 28 2.12 9.06 -3.16
C ALA A 28 1.09 8.29 -3.98
N HIS A 29 0.89 7.03 -3.62
CA HIS A 29 -0.06 6.18 -4.31
C HIS A 29 -1.48 6.45 -3.83
N LEU A 30 -1.64 6.69 -2.54
CA LEU A 30 -2.95 6.96 -1.96
C LEU A 30 -3.58 8.21 -2.57
N ARG A 31 -2.77 9.24 -2.77
CA ARG A 31 -3.26 10.49 -3.35
C ARG A 31 -3.84 10.24 -4.74
N TRP A 32 -3.32 9.24 -5.44
CA TRP A 32 -3.80 8.90 -6.78
C TRP A 32 -5.21 8.32 -6.71
N HIS A 33 -5.49 7.57 -5.64
CA HIS A 33 -6.80 6.97 -5.47
C HIS A 33 -7.84 8.00 -5.09
N THR A 34 -7.49 8.87 -4.15
CA THR A 34 -8.40 9.92 -3.69
C THR A 34 -8.79 10.83 -4.85
N GLY A 35 -9.99 10.61 -5.38
CA GLY A 35 -10.47 11.41 -6.48
C GLY A 35 -10.13 10.81 -7.83
N GLU A 36 -10.01 9.50 -7.88
CA GLU A 36 -9.69 8.79 -9.12
C GLU A 36 -10.91 8.67 -10.01
N ARG A 37 -12.09 8.57 -9.38
CA ARG A 37 -13.34 8.46 -10.12
C ARG A 37 -13.35 7.18 -10.97
ZN ZN B . -3.86 1.13 -5.59
#